data_3NZP
#
_entry.id   3NZP
#
_cell.length_a   203.071
_cell.length_b   203.071
_cell.length_c   101.799
_cell.angle_alpha   90.000
_cell.angle_beta   90.000
_cell.angle_gamma   120.000
#
_symmetry.space_group_name_H-M   'P 31 2 1'
#
loop_
_entity.id
_entity.type
_entity.pdbx_description
1 polymer 'Arginine decarboxylase'
2 non-polymer "PYRIDOXAL-5'-PHOSPHATE"
3 non-polymer 'SULFATE ION'
4 water water
#
_entity_poly.entity_id   1
_entity_poly.type   'polypeptide(L)'
_entity_poly.pdbx_seq_one_letter_code
;(MSE)(MSE)DYGIDIWGNENFIIKNGKVCINYEKKPAIIDIVKELRDDGYKGPLLLRFPHLIQKQIENIYGNFNKARKE
FGYKGGFNAVYPLKVNQYPGFVKNLVKLGKDYNYGLEAGSKAELLLA(MSE)AYNNEGAPITVNGFKDRELINIGFIAAE
(MSE)GHNITLTIEGLNELEAIIDIAKERFKPKPNIGLRVRLHSAGVGIWAKSGGINSKFGLTSTELIEAVNLLKENKLL
EQFT(MSE)IHFHLGSQITEIHPLKKALNEAGNIYTELRK(MSE)GAKNLKAINLGGGLAVEYSQFKNEKSRNYTLREYA
NDVVFILKNIAEQKKDLEPDIFIESGRFVAANHAVLIAPVLELFSQEYAENKLILKKQNPKLIDELYDLYKSIKPSNALE
YLHDSIDHLESILTLFDLGYVDLQDRSNAEILTHLITKKAILLLGDKQNPADLLAIQDEVQERYLVNFSLFQS(MSE)PD
FWGLEQNFPI(MSE)PLDRLDEEPTRSASIWDITCDSDGEISYSKDKPLFLHDVDVEKENYFLGFFLVGAYQEVLG
(MSE)KHNLFTHPTEAIISINEKGYEVEGIIEAQSILDTLEDLDYDIHAI(MSE)DILNERISNSKLVNDKQKKHILGEL
YLFLNDNGYLKSIGVLEHHHHHH
;
_entity_poly.pdbx_strand_id   A,B
#
# COMPACT_ATOMS: atom_id res chain seq x y z
N ASP A 3 10.19 28.68 8.77
CA ASP A 3 9.33 28.03 9.75
C ASP A 3 8.73 26.76 9.19
N TYR A 4 9.15 26.41 7.97
CA TYR A 4 8.65 25.20 7.30
C TYR A 4 7.13 25.19 7.22
N GLY A 5 6.55 26.39 7.10
CA GLY A 5 5.10 26.52 7.02
C GLY A 5 4.37 26.02 8.24
N ILE A 6 5.06 26.02 9.37
CA ILE A 6 4.46 25.52 10.59
C ILE A 6 3.14 26.23 10.90
N ASP A 7 2.89 27.34 10.21
CA ASP A 7 1.67 28.09 10.44
C ASP A 7 0.52 27.63 9.57
N ILE A 8 0.84 27.01 8.45
CA ILE A 8 -0.17 26.51 7.54
C ILE A 8 -0.76 25.19 8.03
N TRP A 9 0.06 24.15 8.03
CA TRP A 9 -0.36 22.82 8.46
C TRP A 9 -0.31 22.67 9.96
N GLY A 10 0.54 23.46 10.61
CA GLY A 10 0.69 23.37 12.04
C GLY A 10 -0.38 23.94 12.94
N ASN A 11 -1.14 24.93 12.48
CA ASN A 11 -2.17 25.53 13.34
C ASN A 11 -1.55 25.92 14.67
N GLU A 12 -2.36 26.20 15.66
CA GLU A 12 -1.76 26.56 16.92
C GLU A 12 -1.47 25.34 17.78
N ASN A 13 -1.10 24.24 17.14
CA ASN A 13 -0.81 23.01 17.88
C ASN A 13 0.69 22.83 18.05
N PHE A 14 1.45 23.34 17.08
CA PHE A 14 2.90 23.24 17.13
C PHE A 14 3.49 24.64 17.05
N ILE A 15 4.52 24.90 17.86
CA ILE A 15 5.16 26.20 17.84
C ILE A 15 6.66 26.04 17.96
N ILE A 16 7.40 27.00 17.42
CA ILE A 16 8.86 26.99 17.48
C ILE A 16 9.34 27.83 18.65
N LYS A 17 10.15 27.24 19.52
CA LYS A 17 10.66 27.93 20.70
C LYS A 17 12.12 28.33 20.57
N ASN A 18 12.98 27.73 21.37
CA ASN A 18 14.39 28.05 21.32
C ASN A 18 15.03 27.36 20.15
N GLY A 19 14.60 27.73 18.95
CA GLY A 19 15.17 27.12 17.77
C GLY A 19 14.75 25.67 17.63
N LYS A 20 13.72 25.27 18.37
CA LYS A 20 13.24 23.89 18.32
C LYS A 20 11.72 23.81 18.35
N VAL A 21 11.15 22.90 17.56
CA VAL A 21 9.70 22.73 17.52
C VAL A 21 9.17 22.04 18.79
N CYS A 22 8.07 22.58 19.33
CA CYS A 22 7.44 22.06 20.55
C CYS A 22 5.92 21.94 20.42
N ILE A 23 5.31 21.32 21.43
CA ILE A 23 3.88 21.15 21.48
C ILE A 23 3.34 22.39 22.18
N ASN A 24 2.58 23.19 21.46
CA ASN A 24 2.04 24.41 22.05
C ASN A 24 0.93 24.09 23.04
N TYR A 25 1.30 23.62 24.24
CA TYR A 25 0.29 23.27 25.23
C TYR A 25 0.54 23.89 26.61
N GLU A 26 1.41 23.28 27.39
CA GLU A 26 1.70 23.84 28.70
C GLU A 26 2.98 24.63 28.58
N LYS A 27 4.07 24.08 29.12
CA LYS A 27 5.36 24.73 29.03
C LYS A 27 5.90 24.65 27.61
N LYS A 28 5.08 24.18 26.68
CA LYS A 28 5.51 24.06 25.29
C LYS A 28 6.75 23.15 25.18
N PRO A 29 6.62 21.90 25.66
CA PRO A 29 7.71 20.93 25.63
C PRO A 29 8.22 20.68 24.21
N ALA A 30 9.54 20.70 24.05
CA ALA A 30 10.16 20.48 22.75
C ALA A 30 10.22 18.99 22.41
N ILE A 31 9.88 18.66 21.17
CA ILE A 31 9.89 17.28 20.71
C ILE A 31 11.32 16.71 20.79
N ILE A 32 12.29 17.51 20.37
CA ILE A 32 13.69 17.09 20.39
C ILE A 32 14.10 16.64 21.80
N ASP A 33 13.48 17.22 22.83
CA ASP A 33 13.80 16.87 24.20
C ASP A 33 13.23 15.51 24.55
N ILE A 34 11.98 15.30 24.17
CA ILE A 34 11.32 14.03 24.43
C ILE A 34 12.09 12.92 23.71
N VAL A 35 12.53 13.20 22.48
CA VAL A 35 13.27 12.20 21.73
C VAL A 35 14.53 11.83 22.48
N LYS A 36 15.34 12.83 22.81
CA LYS A 36 16.59 12.59 23.52
C LYS A 36 16.40 11.69 24.73
N GLU A 37 15.41 12.01 25.56
CA GLU A 37 15.11 11.23 26.76
C GLU A 37 14.89 9.77 26.40
N LEU A 38 14.03 9.54 25.40
CA LEU A 38 13.73 8.18 24.95
C LEU A 38 14.99 7.49 24.45
N ARG A 39 15.87 8.24 23.80
CA ARG A 39 17.10 7.64 23.33
C ARG A 39 17.97 7.30 24.51
N ASP A 40 17.91 8.12 25.56
CA ASP A 40 18.72 7.84 26.74
C ASP A 40 18.23 6.59 27.44
N ASP A 41 16.95 6.29 27.29
CA ASP A 41 16.39 5.12 27.92
C ASP A 41 16.74 3.88 27.10
N GLY A 42 17.45 4.10 26.00
CA GLY A 42 17.88 3.00 25.15
C GLY A 42 17.01 2.74 23.93
N TYR A 43 16.21 3.73 23.54
CA TYR A 43 15.32 3.58 22.39
C TYR A 43 15.86 4.38 21.21
N LYS A 44 16.75 3.76 20.45
CA LYS A 44 17.32 4.42 19.28
C LYS A 44 16.44 4.09 18.10
N GLY A 45 16.88 4.46 16.90
CA GLY A 45 16.12 4.18 15.69
C GLY A 45 14.91 5.08 15.56
N PRO A 46 14.11 4.91 14.50
CA PRO A 46 12.94 5.76 14.30
C PRO A 46 11.86 5.57 15.35
N LEU A 47 11.24 6.66 15.79
CA LEU A 47 10.16 6.51 16.75
C LEU A 47 8.94 7.32 16.39
N LEU A 48 7.78 6.72 16.65
CA LEU A 48 6.50 7.35 16.41
C LEU A 48 5.97 7.86 17.76
N LEU A 49 5.72 9.16 17.86
CA LEU A 49 5.21 9.71 19.11
C LEU A 49 3.74 10.05 18.97
N ARG A 50 2.96 9.74 20.01
CA ARG A 50 1.54 10.05 20.03
C ARG A 50 1.29 11.06 21.13
N PHE A 51 0.60 12.15 20.79
CA PHE A 51 0.26 13.20 21.73
C PHE A 51 -1.25 13.23 21.96
N PRO A 52 -1.73 12.53 22.99
CA PRO A 52 -3.17 12.49 23.28
C PRO A 52 -3.79 13.88 23.33
N HIS A 53 -3.06 14.85 23.86
CA HIS A 53 -3.58 16.21 23.95
C HIS A 53 -4.09 16.71 22.60
N LEU A 54 -3.31 16.48 21.55
CA LEU A 54 -3.69 16.89 20.20
C LEU A 54 -5.03 16.28 19.82
N ILE A 55 -5.22 15.02 20.19
CA ILE A 55 -6.45 14.32 19.91
C ILE A 55 -7.60 15.06 20.56
N GLN A 56 -7.41 15.47 21.81
CA GLN A 56 -8.42 16.22 22.54
C GLN A 56 -8.70 17.53 21.80
N LYS A 57 -7.66 18.31 21.56
CA LYS A 57 -7.82 19.56 20.85
C LYS A 57 -8.72 19.34 19.63
N GLN A 58 -8.43 18.31 18.87
CA GLN A 58 -9.21 18.04 17.68
C GLN A 58 -10.69 17.75 17.92
N ILE A 59 -10.97 16.98 18.96
CA ILE A 59 -12.34 16.63 19.29
C ILE A 59 -13.10 17.88 19.68
N GLU A 60 -12.56 18.65 20.61
CA GLU A 60 -13.25 19.87 21.02
C GLU A 60 -13.24 20.89 19.90
N ASN A 61 -12.38 20.69 18.92
CA ASN A 61 -12.32 21.60 17.81
C ASN A 61 -13.49 21.29 16.86
N ILE A 62 -13.81 20.02 16.68
CA ILE A 62 -14.94 19.63 15.83
C ILE A 62 -16.24 20.03 16.49
N TYR A 63 -16.48 19.55 17.71
CA TYR A 63 -17.68 19.91 18.44
C TYR A 63 -17.78 21.44 18.60
N GLY A 64 -16.64 22.08 18.85
CA GLY A 64 -16.61 23.52 19.00
C GLY A 64 -17.21 24.25 17.81
N ASN A 65 -16.71 23.95 16.61
CA ASN A 65 -17.22 24.59 15.41
C ASN A 65 -18.67 24.26 15.07
N PHE A 66 -19.04 23.00 15.16
CA PHE A 66 -20.40 22.64 14.84
C PHE A 66 -21.37 23.22 15.84
N ASN A 67 -20.93 23.43 17.07
CA ASN A 67 -21.84 24.03 18.04
C ASN A 67 -22.01 25.51 17.75
N LYS A 68 -20.90 26.20 17.51
CA LYS A 68 -20.95 27.61 17.21
C LYS A 68 -21.71 27.81 15.90
N ALA A 69 -21.65 26.83 15.02
CA ALA A 69 -22.36 26.94 13.75
C ALA A 69 -23.85 26.75 13.99
N ARG A 70 -24.19 25.85 14.90
CA ARG A 70 -25.60 25.62 15.16
C ARG A 70 -26.24 26.82 15.84
N LYS A 71 -25.52 27.45 16.74
CA LYS A 71 -26.07 28.59 17.45
C LYS A 71 -26.26 29.77 16.52
N GLU A 72 -25.31 29.94 15.58
CA GLU A 72 -25.39 31.03 14.64
C GLU A 72 -26.72 31.00 13.92
N PHE A 73 -27.07 29.86 13.34
CA PHE A 73 -28.33 29.80 12.64
C PHE A 73 -29.44 29.23 13.50
N GLY A 74 -29.23 29.21 14.81
CA GLY A 74 -30.25 28.68 15.70
C GLY A 74 -30.82 27.36 15.19
N TYR A 75 -29.93 26.37 15.03
CA TYR A 75 -30.31 25.04 14.55
C TYR A 75 -30.88 24.20 15.70
N LYS A 76 -32.08 23.66 15.54
CA LYS A 76 -32.71 22.88 16.58
C LYS A 76 -32.20 21.44 16.67
N GLY A 77 -31.76 20.90 15.55
CA GLY A 77 -31.25 19.54 15.53
C GLY A 77 -29.96 19.41 16.31
N GLY A 78 -29.64 18.19 16.70
CA GLY A 78 -28.42 17.96 17.45
C GLY A 78 -27.27 17.57 16.56
N PHE A 79 -26.09 17.46 17.17
CA PHE A 79 -24.86 17.09 16.47
C PHE A 79 -24.13 15.98 17.18
N ASN A 80 -23.51 15.10 16.40
CA ASN A 80 -22.76 13.99 16.96
C ASN A 80 -21.63 13.58 16.02
N ALA A 81 -20.46 13.31 16.61
CA ALA A 81 -19.28 12.88 15.87
C ALA A 81 -18.99 11.42 16.06
N VAL A 82 -18.56 10.75 15.00
CA VAL A 82 -18.24 9.34 15.08
C VAL A 82 -16.85 9.11 14.49
N TYR A 83 -16.10 8.19 15.08
CA TYR A 83 -14.76 7.90 14.60
C TYR A 83 -14.61 6.61 13.81
N PRO A 84 -14.39 6.72 12.50
CA PRO A 84 -14.23 5.50 11.71
C PRO A 84 -12.89 4.88 12.07
N LEU A 85 -12.97 3.70 12.71
CA LEU A 85 -11.78 2.98 13.14
C LEU A 85 -10.84 2.66 11.96
N LYS A 86 -11.41 2.50 10.78
CA LYS A 86 -10.61 2.19 9.60
C LYS A 86 -9.42 3.11 9.34
N VAL A 87 -9.45 4.36 9.83
CA VAL A 87 -8.33 5.28 9.58
C VAL A 87 -7.16 5.04 10.54
N ASN A 88 -7.40 4.26 11.58
CA ASN A 88 -6.37 3.94 12.54
C ASN A 88 -6.93 3.12 13.67
N GLN A 89 -6.59 1.84 13.74
CA GLN A 89 -7.14 1.03 14.81
C GLN A 89 -6.17 0.75 15.93
N TYR A 90 -4.99 1.33 15.87
CA TYR A 90 -4.01 1.10 16.92
C TYR A 90 -4.45 1.58 18.28
N PRO A 91 -4.33 0.73 19.30
CA PRO A 91 -4.74 1.09 20.66
C PRO A 91 -4.17 2.43 21.11
N GLY A 92 -2.90 2.68 20.82
CA GLY A 92 -2.26 3.95 21.18
C GLY A 92 -3.08 5.16 20.79
N PHE A 93 -4.00 4.98 19.85
CA PHE A 93 -4.86 6.07 19.45
C PHE A 93 -6.29 5.78 19.98
N VAL A 94 -6.90 4.72 19.46
CA VAL A 94 -8.25 4.33 19.86
C VAL A 94 -8.56 4.44 21.36
N LYS A 95 -7.71 3.88 22.21
CA LYS A 95 -7.94 3.93 23.64
C LYS A 95 -8.01 5.36 24.16
N ASN A 96 -7.24 6.25 23.53
CA ASN A 96 -7.25 7.63 23.95
C ASN A 96 -8.44 8.39 23.40
N LEU A 97 -8.82 8.06 22.17
CA LEU A 97 -9.94 8.72 21.54
C LEU A 97 -11.22 8.49 22.33
N VAL A 98 -11.54 7.23 22.63
CA VAL A 98 -12.78 6.95 23.36
C VAL A 98 -12.76 7.62 24.71
N LYS A 99 -11.59 7.63 25.33
CA LYS A 99 -11.43 8.22 26.62
C LYS A 99 -11.63 9.74 26.55
N LEU A 100 -10.88 10.40 25.68
CA LEU A 100 -10.98 11.85 25.51
C LEU A 100 -12.29 12.33 24.90
N GLY A 101 -12.95 11.49 24.11
CA GLY A 101 -14.20 11.93 23.52
C GLY A 101 -15.42 11.52 24.31
N LYS A 102 -15.22 11.00 25.52
CA LYS A 102 -16.35 10.55 26.33
C LYS A 102 -17.30 11.68 26.69
N ASP A 103 -16.73 12.78 27.16
CA ASP A 103 -17.49 13.95 27.55
C ASP A 103 -18.28 14.54 26.39
N TYR A 104 -17.93 14.14 25.17
CA TYR A 104 -18.58 14.65 23.97
C TYR A 104 -19.52 13.63 23.35
N ASN A 105 -19.58 12.45 23.96
CA ASN A 105 -20.42 11.37 23.48
C ASN A 105 -19.96 10.93 22.09
N TYR A 106 -18.65 11.04 21.87
CA TYR A 106 -18.03 10.67 20.61
C TYR A 106 -18.20 9.16 20.38
N GLY A 107 -18.74 8.80 19.22
CA GLY A 107 -18.96 7.39 18.93
C GLY A 107 -17.89 6.74 18.08
N LEU A 108 -18.14 5.50 17.68
CA LEU A 108 -17.18 4.74 16.88
C LEU A 108 -17.86 4.11 15.67
N GLU A 109 -17.13 4.03 14.57
CA GLU A 109 -17.66 3.45 13.35
C GLU A 109 -16.84 2.20 13.05
N ALA A 110 -17.50 1.15 12.59
CA ALA A 110 -16.80 -0.08 12.26
C ALA A 110 -17.27 -0.54 10.89
N GLY A 111 -16.37 -1.20 10.15
CA GLY A 111 -16.72 -1.67 8.83
C GLY A 111 -16.30 -3.10 8.61
N SER A 112 -16.22 -3.88 9.69
CA SER A 112 -15.83 -5.28 9.62
C SER A 112 -16.08 -5.95 10.97
N LYS A 113 -16.14 -7.28 10.96
CA LYS A 113 -16.36 -8.04 12.19
C LYS A 113 -15.30 -7.66 13.20
N ALA A 114 -14.05 -7.64 12.76
CA ALA A 114 -12.95 -7.29 13.63
C ALA A 114 -13.15 -5.93 14.27
N GLU A 115 -13.48 -4.92 13.48
CA GLU A 115 -13.69 -3.58 14.02
C GLU A 115 -14.90 -3.47 14.93
N LEU A 116 -16.00 -4.12 14.55
CA LEU A 116 -17.22 -4.08 15.36
C LEU A 116 -16.94 -4.62 16.75
N LEU A 117 -16.26 -5.76 16.84
CA LEU A 117 -15.93 -6.34 18.13
C LEU A 117 -15.17 -5.30 18.94
N LEU A 118 -14.09 -4.78 18.36
CA LEU A 118 -13.27 -3.78 19.03
C LEU A 118 -14.19 -2.68 19.56
N ALA A 119 -14.95 -2.10 18.66
CA ALA A 119 -15.88 -1.04 19.01
C ALA A 119 -16.74 -1.42 20.20
N ALA A 121 -16.16 -3.26 22.53
CA ALA A 121 -15.43 -3.35 23.77
C ALA A 121 -15.02 -1.99 24.32
N TYR A 122 -14.44 -1.14 23.48
CA TYR A 122 -13.97 0.18 23.91
C TYR A 122 -14.93 1.39 23.82
N ASN A 123 -15.92 1.31 22.92
CA ASN A 123 -16.89 2.39 22.78
C ASN A 123 -17.62 2.60 24.08
N ASN A 124 -17.68 3.85 24.54
CA ASN A 124 -18.37 4.18 25.80
C ASN A 124 -19.85 3.83 25.70
N GLU A 125 -20.39 3.19 26.73
CA GLU A 125 -21.81 2.83 26.71
C GLU A 125 -22.63 4.10 26.57
N GLY A 126 -23.55 4.11 25.61
CA GLY A 126 -24.37 5.29 25.41
C GLY A 126 -24.01 6.03 24.14
N ALA A 127 -22.73 6.00 23.79
CA ALA A 127 -22.25 6.64 22.57
C ALA A 127 -22.70 5.78 21.40
N PRO A 128 -22.95 6.40 20.24
CA PRO A 128 -23.38 5.67 19.05
C PRO A 128 -22.26 4.87 18.37
N ILE A 129 -22.66 3.75 17.78
CA ILE A 129 -21.73 2.90 17.07
C ILE A 129 -22.42 2.67 15.74
N THR A 130 -21.82 3.17 14.67
CA THR A 130 -22.39 2.95 13.35
C THR A 130 -21.61 1.81 12.72
N VAL A 131 -22.28 1.06 11.85
CA VAL A 131 -21.63 -0.07 11.18
C VAL A 131 -21.86 -0.03 9.66
N ASN A 132 -20.79 0.20 8.90
CA ASN A 132 -20.90 0.24 7.45
C ASN A 132 -20.25 -0.99 6.84
N GLY A 133 -20.38 -1.16 5.52
CA GLY A 133 -19.76 -2.31 4.87
C GLY A 133 -20.77 -3.39 4.57
N PHE A 134 -20.32 -4.42 3.88
CA PHE A 134 -21.19 -5.54 3.54
C PHE A 134 -21.31 -6.44 4.74
N LYS A 135 -22.49 -6.98 4.97
CA LYS A 135 -22.68 -7.82 6.14
C LYS A 135 -23.25 -9.20 5.85
N ASP A 136 -22.85 -10.18 6.64
CA ASP A 136 -23.41 -11.49 6.46
C ASP A 136 -24.25 -11.74 7.68
N ARG A 137 -24.85 -12.92 7.77
CA ARG A 137 -25.69 -13.21 8.91
C ARG A 137 -24.90 -13.02 10.19
N GLU A 138 -23.64 -13.47 10.19
CA GLU A 138 -22.82 -13.35 11.41
C GLU A 138 -22.66 -11.90 11.87
N LEU A 139 -22.23 -11.02 10.98
CA LEU A 139 -22.03 -9.63 11.34
C LEU A 139 -23.31 -8.98 11.86
N ILE A 140 -24.43 -9.30 11.23
CA ILE A 140 -25.71 -8.74 11.67
C ILE A 140 -26.07 -9.22 13.08
N ASN A 141 -25.84 -10.51 13.32
CA ASN A 141 -26.12 -11.09 14.62
C ASN A 141 -25.31 -10.43 15.70
N ILE A 142 -24.00 -10.33 15.49
CA ILE A 142 -23.17 -9.69 16.50
C ILE A 142 -23.62 -8.25 16.71
N GLY A 143 -24.13 -7.61 15.65
CA GLY A 143 -24.59 -6.24 15.78
C GLY A 143 -25.75 -6.21 16.75
N PHE A 144 -26.60 -7.22 16.62
CA PHE A 144 -27.78 -7.42 17.47
C PHE A 144 -27.32 -7.66 18.90
N ILE A 145 -26.35 -8.55 19.10
CA ILE A 145 -25.95 -8.78 20.48
C ILE A 145 -25.38 -7.49 21.07
N ALA A 146 -24.83 -6.63 20.22
CA ALA A 146 -24.28 -5.36 20.69
C ALA A 146 -25.45 -4.50 21.20
N ALA A 147 -26.62 -4.72 20.63
CA ALA A 147 -27.80 -3.98 21.03
C ALA A 147 -28.26 -4.51 22.38
N GLU A 148 -28.35 -5.84 22.47
CA GLU A 148 -28.79 -6.53 23.68
C GLU A 148 -27.83 -6.24 24.83
N GLY A 150 -26.65 -3.51 25.45
CA GLY A 150 -26.96 -2.17 25.93
C GLY A 150 -26.33 -1.03 25.13
N HIS A 151 -25.74 -1.34 23.98
CA HIS A 151 -25.08 -0.35 23.14
C HIS A 151 -26.00 0.39 22.19
N ASN A 152 -25.61 1.60 21.83
CA ASN A 152 -26.40 2.38 20.90
C ASN A 152 -25.87 2.10 19.50
N ILE A 153 -26.16 0.91 18.98
CA ILE A 153 -25.66 0.55 17.66
C ILE A 153 -26.68 0.76 16.52
N THR A 154 -26.16 1.14 15.34
CA THR A 154 -26.97 1.37 14.15
C THR A 154 -26.37 0.61 12.99
N LEU A 155 -27.13 -0.31 12.38
CA LEU A 155 -26.63 -1.07 11.24
C LEU A 155 -27.03 -0.35 9.96
N THR A 156 -26.04 0.16 9.23
CA THR A 156 -26.34 0.86 7.98
C THR A 156 -26.38 -0.11 6.80
N ILE A 157 -27.57 -0.28 6.20
CA ILE A 157 -27.78 -1.18 5.05
C ILE A 157 -27.16 -0.64 3.76
N GLU A 158 -26.47 -1.52 3.04
CA GLU A 158 -25.82 -1.16 1.79
C GLU A 158 -26.68 -1.61 0.61
N GLY A 159 -27.52 -2.61 0.86
CA GLY A 159 -28.41 -3.14 -0.18
C GLY A 159 -29.66 -3.78 0.41
N LEU A 160 -30.75 -3.82 -0.34
CA LEU A 160 -32.00 -4.42 0.12
C LEU A 160 -31.78 -5.78 0.74
N ASN A 161 -30.91 -6.56 0.12
CA ASN A 161 -30.59 -7.88 0.63
C ASN A 161 -30.23 -7.88 2.11
N GLU A 162 -29.35 -6.98 2.50
CA GLU A 162 -28.95 -6.88 3.90
C GLU A 162 -30.12 -6.57 4.79
N LEU A 163 -31.04 -5.75 4.27
CA LEU A 163 -32.22 -5.36 5.03
C LEU A 163 -33.05 -6.58 5.34
N GLU A 164 -33.27 -7.41 4.33
CA GLU A 164 -34.04 -8.63 4.49
C GLU A 164 -33.38 -9.49 5.57
N ALA A 165 -32.06 -9.66 5.47
CA ALA A 165 -31.32 -10.44 6.45
C ALA A 165 -31.64 -9.96 7.85
N ILE A 166 -31.56 -8.65 8.07
CA ILE A 166 -31.87 -8.09 9.38
C ILE A 166 -33.29 -8.45 9.79
N ILE A 167 -34.25 -8.15 8.93
CA ILE A 167 -35.65 -8.44 9.19
C ILE A 167 -35.82 -9.87 9.67
N ASP A 168 -35.19 -10.82 8.98
CA ASP A 168 -35.25 -12.22 9.36
C ASP A 168 -34.70 -12.50 10.72
N ILE A 169 -33.40 -12.25 10.91
CA ILE A 169 -32.81 -12.53 12.20
C ILE A 169 -33.39 -11.63 13.28
N ALA A 170 -34.22 -10.67 12.90
CA ALA A 170 -34.81 -9.77 13.86
C ALA A 170 -35.81 -10.52 14.70
N LYS A 171 -36.63 -11.31 14.00
CA LYS A 171 -37.69 -12.11 14.62
C LYS A 171 -37.14 -13.43 15.11
N GLU A 172 -35.82 -13.53 15.15
CA GLU A 172 -35.15 -14.73 15.62
C GLU A 172 -34.42 -14.43 16.93
N ARG A 173 -33.94 -13.19 17.08
CA ARG A 173 -33.23 -12.78 18.28
C ARG A 173 -34.19 -12.44 19.39
N PHE A 174 -33.84 -11.44 20.19
CA PHE A 174 -34.70 -11.05 21.30
C PHE A 174 -35.32 -9.68 21.11
N LYS A 175 -35.84 -9.13 22.19
CA LYS A 175 -36.48 -7.83 22.16
C LYS A 175 -35.55 -6.73 21.67
N PRO A 176 -34.38 -6.59 22.29
CA PRO A 176 -33.43 -5.55 21.88
C PRO A 176 -32.96 -5.68 20.43
N LYS A 177 -33.28 -4.70 19.61
CA LYS A 177 -32.86 -4.71 18.21
C LYS A 177 -32.10 -3.44 17.85
N PRO A 178 -31.09 -3.56 17.00
CA PRO A 178 -30.30 -2.42 16.59
C PRO A 178 -31.08 -1.43 15.73
N ASN A 179 -30.54 -0.22 15.62
CA ASN A 179 -31.16 0.79 14.80
C ASN A 179 -30.76 0.52 13.38
N ILE A 180 -31.67 0.82 12.46
CA ILE A 180 -31.39 0.59 11.06
C ILE A 180 -31.04 1.89 10.34
N GLY A 181 -29.96 1.86 9.55
CA GLY A 181 -29.56 3.05 8.81
C GLY A 181 -29.59 2.74 7.32
N LEU A 182 -29.95 3.70 6.49
CA LEU A 182 -29.97 3.44 5.05
C LEU A 182 -28.94 4.30 4.31
N ARG A 183 -28.02 3.67 3.60
CA ARG A 183 -27.01 4.40 2.86
C ARG A 183 -27.59 4.85 1.53
N VAL A 184 -27.73 6.15 1.33
CA VAL A 184 -28.29 6.63 0.09
C VAL A 184 -27.27 6.76 -1.03
N ARG A 185 -27.70 6.41 -2.24
CA ARG A 185 -26.87 6.50 -3.43
C ARG A 185 -27.02 7.94 -3.90
N LEU A 186 -25.93 8.69 -3.90
CA LEU A 186 -25.96 10.06 -4.33
C LEU A 186 -25.58 10.22 -5.79
N HIS A 187 -26.40 10.98 -6.52
CA HIS A 187 -26.18 11.24 -7.94
C HIS A 187 -25.35 12.51 -8.07
N SER A 188 -24.15 12.49 -7.48
CA SER A 188 -23.24 13.64 -7.51
C SER A 188 -21.92 13.33 -6.81
N ALA A 189 -21.71 12.06 -6.47
CA ALA A 189 -20.50 11.60 -5.79
C ALA A 189 -19.28 11.68 -6.72
N LYS A 203 -21.66 5.57 -6.13
CA LYS A 203 -21.25 4.18 -6.35
C LYS A 203 -22.12 3.15 -5.61
N PHE A 204 -21.94 3.05 -4.29
CA PHE A 204 -22.69 2.12 -3.43
C PHE A 204 -23.86 2.82 -2.76
N GLY A 205 -24.83 2.06 -2.29
CA GLY A 205 -25.97 2.67 -1.63
C GLY A 205 -27.26 2.28 -2.29
N LEU A 206 -28.38 2.72 -1.75
CA LEU A 206 -29.66 2.36 -2.31
C LEU A 206 -30.18 3.42 -3.28
N THR A 207 -30.71 2.98 -4.41
CA THR A 207 -31.23 3.92 -5.40
C THR A 207 -32.54 4.49 -4.87
N SER A 208 -33.07 5.50 -5.55
CA SER A 208 -34.31 6.12 -5.10
C SER A 208 -35.43 5.11 -5.07
N THR A 209 -35.51 4.29 -6.11
CA THR A 209 -36.56 3.29 -6.16
C THR A 209 -36.30 2.22 -5.07
N GLU A 210 -35.05 1.85 -4.86
CA GLU A 210 -34.72 0.87 -3.82
C GLU A 210 -35.03 1.42 -2.43
N LEU A 211 -34.80 2.72 -2.21
CA LEU A 211 -35.06 3.33 -0.92
C LEU A 211 -36.54 3.20 -0.59
N ILE A 212 -37.39 3.38 -1.59
CA ILE A 212 -38.82 3.28 -1.35
C ILE A 212 -39.13 1.84 -0.92
N GLU A 213 -38.68 0.87 -1.70
CA GLU A 213 -38.90 -0.53 -1.34
C GLU A 213 -38.42 -0.76 0.09
N ALA A 214 -37.24 -0.25 0.40
CA ALA A 214 -36.67 -0.39 1.72
C ALA A 214 -37.66 0.05 2.78
N VAL A 215 -38.28 1.22 2.57
CA VAL A 215 -39.25 1.75 3.51
C VAL A 215 -40.49 0.87 3.61
N ASN A 216 -40.95 0.37 2.47
CA ASN A 216 -42.11 -0.49 2.48
C ASN A 216 -41.80 -1.75 3.29
N LEU A 217 -40.69 -2.42 2.97
CA LEU A 217 -40.29 -3.60 3.71
C LEU A 217 -40.32 -3.35 5.22
N LEU A 218 -39.63 -2.30 5.66
CA LEU A 218 -39.62 -2.01 7.08
C LEU A 218 -41.04 -1.79 7.58
N LYS A 219 -41.87 -1.20 6.73
CA LYS A 219 -43.25 -0.92 7.11
C LYS A 219 -44.04 -2.22 7.25
N GLU A 220 -43.89 -3.10 6.27
CA GLU A 220 -44.59 -4.38 6.28
C GLU A 220 -44.22 -5.18 7.51
N ASN A 221 -42.94 -5.17 7.87
CA ASN A 221 -42.52 -5.93 9.04
C ASN A 221 -42.50 -5.08 10.30
N LYS A 222 -43.38 -4.07 10.33
CA LYS A 222 -43.50 -3.15 11.46
C LYS A 222 -42.12 -2.93 12.09
N LEU A 223 -41.25 -2.22 11.37
CA LEU A 223 -39.90 -1.95 11.85
C LEU A 223 -39.46 -0.50 11.61
N LEU A 224 -40.38 0.32 11.10
CA LEU A 224 -40.06 1.71 10.83
C LEU A 224 -39.41 2.36 12.04
N GLU A 225 -39.76 1.84 13.22
CA GLU A 225 -39.22 2.35 14.47
C GLU A 225 -37.70 2.33 14.48
N GLN A 226 -37.11 1.39 13.75
CA GLN A 226 -35.67 1.27 13.70
C GLN A 226 -34.99 2.23 12.74
N PHE A 227 -35.63 2.48 11.61
CA PHE A 227 -35.06 3.39 10.63
C PHE A 227 -34.91 4.77 11.27
N THR A 228 -33.69 5.11 11.69
CA THR A 228 -33.46 6.40 12.33
C THR A 228 -32.49 7.35 11.62
N ILE A 230 -30.08 8.22 7.72
CA ILE A 230 -29.61 7.93 6.37
C ILE A 230 -28.13 8.35 6.38
N HIS A 231 -27.32 7.66 5.58
CA HIS A 231 -25.89 7.93 5.54
C HIS A 231 -25.37 7.92 4.11
N PHE A 232 -24.36 8.74 3.86
CA PHE A 232 -23.72 8.80 2.54
C PHE A 232 -22.23 9.07 2.75
N HIS A 233 -21.38 8.54 1.87
CA HIS A 233 -19.93 8.78 2.00
C HIS A 233 -19.39 9.28 0.66
N LEU A 234 -18.73 10.43 0.67
CA LEU A 234 -18.16 10.98 -0.57
C LEU A 234 -16.71 10.57 -0.73
N GLY A 235 -16.09 10.08 0.33
CA GLY A 235 -14.71 9.67 0.25
C GLY A 235 -13.83 10.44 1.22
N SER A 236 -12.54 10.11 1.24
CA SER A 236 -11.63 10.76 2.17
C SER A 236 -10.96 12.00 1.56
N GLN A 237 -10.45 12.87 2.42
CA GLN A 237 -9.75 14.08 1.99
C GLN A 237 -10.38 14.80 0.80
N ILE A 238 -11.57 15.37 1.02
CA ILE A 238 -12.27 16.12 -0.01
C ILE A 238 -11.73 17.55 0.00
N THR A 239 -10.87 17.88 -0.96
CA THR A 239 -10.26 19.20 -1.04
C THR A 239 -11.22 20.36 -1.38
N GLU A 240 -12.29 20.06 -2.12
CA GLU A 240 -13.28 21.08 -2.53
C GLU A 240 -14.51 21.05 -1.65
N ILE A 241 -15.04 22.21 -1.32
CA ILE A 241 -16.23 22.27 -0.47
C ILE A 241 -17.53 22.12 -1.26
N HIS A 242 -17.47 22.42 -2.54
CA HIS A 242 -18.66 22.32 -3.39
C HIS A 242 -19.29 20.93 -3.41
N PRO A 243 -18.49 19.90 -3.74
CA PRO A 243 -19.05 18.55 -3.76
C PRO A 243 -19.81 18.18 -2.48
N LEU A 244 -19.34 18.69 -1.35
CA LEU A 244 -20.00 18.41 -0.07
C LEU A 244 -21.36 19.08 -0.04
N LYS A 245 -21.44 20.32 -0.51
CA LYS A 245 -22.70 21.06 -0.53
C LYS A 245 -23.66 20.46 -1.52
N LYS A 246 -23.13 19.98 -2.64
CA LYS A 246 -24.00 19.37 -3.61
C LYS A 246 -24.60 18.10 -3.02
N ALA A 247 -23.77 17.35 -2.31
CA ALA A 247 -24.18 16.09 -1.67
C ALA A 247 -25.20 16.31 -0.57
N LEU A 248 -24.83 17.17 0.37
CA LEU A 248 -25.69 17.45 1.50
C LEU A 248 -27.09 17.84 1.04
N ASN A 249 -27.16 18.70 0.02
CA ASN A 249 -28.42 19.17 -0.51
C ASN A 249 -29.29 18.01 -1.02
N GLU A 250 -28.72 17.17 -1.87
CA GLU A 250 -29.44 16.03 -2.41
C GLU A 250 -29.90 15.14 -1.27
N ALA A 251 -28.99 14.80 -0.37
CA ALA A 251 -29.32 13.95 0.77
C ALA A 251 -30.40 14.58 1.65
N GLY A 252 -30.29 15.89 1.86
CA GLY A 252 -31.26 16.61 2.67
C GLY A 252 -32.68 16.43 2.16
N ASN A 253 -32.84 16.44 0.85
CA ASN A 253 -34.16 16.26 0.27
C ASN A 253 -34.61 14.81 0.37
N ILE A 254 -33.69 13.86 0.22
CA ILE A 254 -34.03 12.45 0.34
C ILE A 254 -34.55 12.24 1.76
N TYR A 255 -33.87 12.87 2.72
CA TYR A 255 -34.25 12.78 4.12
C TYR A 255 -35.70 13.21 4.32
N THR A 256 -36.02 14.43 3.90
CA THR A 256 -37.40 14.93 4.05
C THR A 256 -38.41 14.03 3.34
N GLU A 257 -38.14 13.69 2.09
CA GLU A 257 -39.04 12.83 1.31
C GLU A 257 -39.32 11.50 2.01
N LEU A 258 -38.30 10.95 2.65
CA LEU A 258 -38.43 9.70 3.35
C LEU A 258 -39.31 9.87 4.59
N ARG A 259 -39.20 11.02 5.26
CA ARG A 259 -40.02 11.22 6.44
C ARG A 259 -41.47 11.36 6.05
N LYS A 260 -41.72 12.06 4.95
CA LYS A 260 -43.08 12.30 4.46
C LYS A 260 -43.69 10.98 4.04
N GLY A 262 -43.50 8.31 5.77
CA GLY A 262 -43.86 7.55 6.95
C GLY A 262 -42.71 7.26 7.91
N ALA A 263 -41.48 7.44 7.44
CA ALA A 263 -40.31 7.19 8.25
C ALA A 263 -40.20 8.24 9.35
N LYS A 264 -41.14 8.25 10.27
CA LYS A 264 -41.13 9.24 11.35
C LYS A 264 -39.94 9.19 12.29
N ASN A 265 -39.35 8.02 12.44
CA ASN A 265 -38.22 7.89 13.32
C ASN A 265 -36.93 8.35 12.70
N LEU A 266 -36.96 8.59 11.39
CA LEU A 266 -35.78 9.07 10.68
C LEU A 266 -35.55 10.51 11.11
N LYS A 267 -34.52 10.71 11.94
CA LYS A 267 -34.22 12.02 12.47
C LYS A 267 -32.74 12.40 12.44
N ALA A 268 -31.97 11.73 11.60
CA ALA A 268 -30.55 12.07 11.52
C ALA A 268 -29.97 11.78 10.15
N ILE A 269 -28.95 12.55 9.81
CA ILE A 269 -28.26 12.39 8.55
C ILE A 269 -26.78 12.25 8.85
N ASN A 270 -26.19 11.17 8.31
CA ASN A 270 -24.78 10.91 8.52
C ASN A 270 -24.04 11.34 7.25
N LEU A 271 -23.24 12.40 7.36
CA LEU A 271 -22.48 12.93 6.23
C LEU A 271 -21.27 12.09 5.89
N GLY A 272 -20.89 11.22 6.83
CA GLY A 272 -19.73 10.39 6.60
C GLY A 272 -18.45 11.16 6.79
N GLY A 273 -17.40 10.70 6.11
CA GLY A 273 -16.11 11.37 6.23
C GLY A 273 -15.93 12.40 5.15
N GLY A 274 -14.69 12.82 4.93
CA GLY A 274 -14.43 13.79 3.89
C GLY A 274 -13.79 15.10 4.32
N LEU A 275 -14.00 15.47 5.57
CA LEU A 275 -13.42 16.70 6.12
C LEU A 275 -11.95 16.58 5.83
N ALA A 276 -11.43 17.49 5.02
CA ALA A 276 -10.01 17.44 4.63
C ALA A 276 -9.07 17.96 5.70
N VAL A 277 -7.81 17.55 5.61
CA VAL A 277 -6.78 17.97 6.56
C VAL A 277 -5.76 18.81 5.81
N GLU A 278 -5.22 19.83 6.46
CA GLU A 278 -4.21 20.66 5.81
C GLU A 278 -2.82 20.05 5.94
N TYR A 279 -2.28 19.56 4.83
CA TYR A 279 -0.98 18.91 4.79
C TYR A 279 0.11 19.80 4.17
N SER A 280 -0.34 20.80 3.43
CA SER A 280 0.57 21.73 2.78
C SER A 280 1.46 22.49 3.76
N GLN A 281 2.75 22.57 3.44
CA GLN A 281 3.70 23.29 4.28
C GLN A 281 4.41 24.35 3.45
N PHE A 282 3.85 24.61 2.27
CA PHE A 282 4.39 25.60 1.34
C PHE A 282 3.36 26.68 1.03
N LYS A 283 3.80 27.93 1.13
CA LYS A 283 2.95 29.09 0.89
C LYS A 283 2.29 29.01 -0.48
N ASN A 284 0.99 29.31 -0.50
CA ASN A 284 0.21 29.27 -1.74
C ASN A 284 0.13 27.87 -2.31
N GLU A 285 -0.41 26.94 -1.53
CA GLU A 285 -0.57 25.56 -1.97
C GLU A 285 -1.46 24.76 -1.04
N LYS A 286 -2.43 25.44 -0.44
CA LYS A 286 -3.40 24.84 0.48
C LYS A 286 -3.92 23.45 0.01
N SER A 287 -4.11 22.52 0.95
CA SER A 287 -4.61 21.19 0.60
C SER A 287 -6.11 21.26 0.35
N ARG A 288 -6.81 21.98 1.21
CA ARG A 288 -8.25 22.11 1.04
C ARG A 288 -8.55 23.58 0.88
N ASN A 289 -9.58 23.88 0.12
CA ASN A 289 -9.96 25.26 -0.07
C ASN A 289 -11.03 25.70 0.94
N TYR A 290 -11.23 24.98 2.09
CA TYR A 290 -12.29 25.44 3.00
C TYR A 290 -11.88 25.34 4.44
N THR A 291 -12.54 26.07 5.33
CA THR A 291 -12.19 25.99 6.73
C THR A 291 -13.18 25.05 7.44
N LEU A 292 -12.82 24.62 8.63
CA LEU A 292 -13.70 23.74 9.38
C LEU A 292 -15.04 24.46 9.63
N ARG A 293 -14.96 25.72 10.07
CA ARG A 293 -16.14 26.53 10.35
C ARG A 293 -17.02 26.63 9.09
N GLU A 294 -16.38 26.82 7.94
CA GLU A 294 -17.10 26.92 6.69
C GLU A 294 -17.85 25.61 6.43
N TYR A 295 -17.17 24.49 6.66
CA TYR A 295 -17.77 23.18 6.48
C TYR A 295 -18.97 23.07 7.42
N ALA A 296 -18.77 23.44 8.68
CA ALA A 296 -19.87 23.38 9.65
C ALA A 296 -21.00 24.33 9.28
N ASN A 297 -20.70 25.61 9.08
CA ASN A 297 -21.74 26.57 8.71
C ASN A 297 -22.54 26.07 7.50
N ASP A 298 -21.83 25.59 6.49
CA ASP A 298 -22.49 25.08 5.30
C ASP A 298 -23.43 23.95 5.66
N VAL A 299 -22.98 23.00 6.46
CA VAL A 299 -23.84 21.87 6.82
C VAL A 299 -25.12 22.33 7.51
N VAL A 300 -24.96 23.13 8.56
CA VAL A 300 -26.09 23.61 9.31
C VAL A 300 -27.02 24.47 8.47
N PHE A 301 -26.45 25.28 7.59
CA PHE A 301 -27.27 26.14 6.76
C PHE A 301 -28.08 25.33 5.75
N ILE A 302 -27.41 24.57 4.90
CA ILE A 302 -28.09 23.75 3.90
C ILE A 302 -29.24 22.96 4.50
N LEU A 303 -28.99 22.31 5.64
CA LEU A 303 -30.04 21.51 6.25
C LEU A 303 -31.18 22.36 6.78
N LYS A 304 -30.86 23.44 7.47
CA LYS A 304 -31.89 24.33 7.99
C LYS A 304 -32.81 24.75 6.84
N ASN A 305 -32.22 25.24 5.77
CA ASN A 305 -32.99 25.67 4.63
C ASN A 305 -33.94 24.59 4.13
N ILE A 306 -33.43 23.38 3.92
CA ILE A 306 -34.29 22.31 3.44
C ILE A 306 -35.38 21.99 4.45
N ALA A 307 -35.01 21.92 5.72
CA ALA A 307 -35.99 21.62 6.76
C ALA A 307 -37.09 22.67 6.73
N GLU A 308 -36.73 23.93 6.50
CA GLU A 308 -37.73 24.97 6.45
C GLU A 308 -38.59 24.85 5.20
N GLN A 309 -37.94 24.75 4.04
CA GLN A 309 -38.68 24.63 2.78
C GLN A 309 -39.73 23.54 2.86
N LYS A 310 -39.31 22.33 3.21
CA LYS A 310 -40.22 21.21 3.31
C LYS A 310 -40.95 21.26 4.64
N LYS A 311 -40.73 22.37 5.36
CA LYS A 311 -41.33 22.58 6.69
C LYS A 311 -41.40 21.29 7.49
N ASP A 312 -40.26 20.62 7.55
CA ASP A 312 -40.12 19.38 8.27
C ASP A 312 -39.17 19.60 9.43
N LEU A 313 -38.80 18.52 10.10
CA LEU A 313 -37.91 18.57 11.25
C LEU A 313 -36.42 18.65 10.92
N GLU A 314 -35.74 19.66 11.48
CA GLU A 314 -34.30 19.80 11.25
C GLU A 314 -33.66 18.52 11.78
N PRO A 315 -32.98 17.76 10.91
CA PRO A 315 -32.30 16.50 11.25
C PRO A 315 -31.11 16.62 12.19
N ASP A 316 -30.70 15.50 12.77
CA ASP A 316 -29.54 15.48 13.65
C ASP A 316 -28.34 15.29 12.77
N ILE A 317 -27.31 16.08 13.02
CA ILE A 317 -26.11 15.99 12.22
C ILE A 317 -25.14 14.93 12.74
N PHE A 318 -24.68 14.06 11.85
CA PHE A 318 -23.72 13.01 12.21
C PHE A 318 -22.56 13.02 11.23
N ILE A 319 -21.34 13.22 11.71
CA ILE A 319 -20.20 13.20 10.81
C ILE A 319 -19.25 12.09 11.23
N GLU A 320 -18.57 11.48 10.26
CA GLU A 320 -17.64 10.40 10.57
C GLU A 320 -16.24 10.77 10.04
N SER A 321 -15.79 11.95 10.42
CA SER A 321 -14.49 12.46 10.01
C SER A 321 -13.42 11.84 10.88
N GLY A 322 -12.67 10.92 10.31
CA GLY A 322 -11.62 10.27 11.07
C GLY A 322 -10.28 10.92 10.79
N ARG A 323 -9.95 11.12 9.53
CA ARG A 323 -8.66 11.71 9.19
C ARG A 323 -8.41 12.99 9.96
N PHE A 324 -9.41 13.86 10.02
CA PHE A 324 -9.28 15.13 10.72
C PHE A 324 -8.86 15.02 12.18
N VAL A 325 -9.53 14.14 12.91
CA VAL A 325 -9.26 13.97 14.32
C VAL A 325 -8.03 13.12 14.63
N ALA A 326 -7.61 12.28 13.68
CA ALA A 326 -6.45 11.43 13.95
C ALA A 326 -5.12 11.88 13.34
N ALA A 327 -5.18 12.68 12.28
CA ALA A 327 -3.96 13.12 11.60
C ALA A 327 -2.77 13.64 12.43
N ASN A 328 -2.93 14.78 13.12
CA ASN A 328 -1.82 15.38 13.89
C ASN A 328 -1.40 14.75 15.20
N HIS A 329 -2.15 13.77 15.69
CA HIS A 329 -1.78 13.19 16.98
C HIS A 329 -0.42 12.49 17.01
N ALA A 330 0.04 12.03 15.85
CA ALA A 330 1.29 11.29 15.75
C ALA A 330 2.41 11.93 14.94
N VAL A 331 3.60 11.89 15.49
CA VAL A 331 4.76 12.44 14.81
C VAL A 331 5.78 11.32 14.65
N LEU A 332 6.33 11.18 13.45
CA LEU A 332 7.32 10.15 13.18
C LEU A 332 8.70 10.79 13.16
N ILE A 333 9.48 10.58 14.23
CA ILE A 333 10.82 11.15 14.33
C ILE A 333 11.84 10.11 13.86
N ALA A 334 12.77 10.54 13.02
CA ALA A 334 13.80 9.66 12.50
C ALA A 334 15.12 10.39 12.41
N PRO A 335 16.17 9.82 12.97
CA PRO A 335 17.48 10.46 12.91
C PRO A 335 18.15 10.36 11.53
N VAL A 336 18.93 11.39 11.19
CA VAL A 336 19.66 11.45 9.93
C VAL A 336 20.98 10.68 10.09
N LEU A 337 21.07 9.53 9.42
CA LEU A 337 22.26 8.68 9.51
C LEU A 337 23.46 9.21 8.75
N GLU A 338 23.22 9.85 7.60
CA GLU A 338 24.32 10.36 6.78
C GLU A 338 23.86 11.26 5.63
N LEU A 339 24.67 12.28 5.32
CA LEU A 339 24.36 13.20 4.23
C LEU A 339 25.22 12.87 3.02
N PHE A 340 24.62 12.81 1.85
CA PHE A 340 25.38 12.51 0.64
C PHE A 340 25.38 13.70 -0.30
N SER A 341 26.56 14.18 -0.68
CA SER A 341 26.68 15.32 -1.58
C SER A 341 27.52 14.97 -2.81
N GLN A 342 28.04 15.98 -3.49
CA GLN A 342 28.87 15.73 -4.68
C GLN A 342 30.33 16.12 -4.48
N GLU A 343 31.21 15.12 -4.48
CA GLU A 343 32.64 15.36 -4.27
C GLU A 343 33.34 15.85 -5.55
N TYR A 344 32.84 16.97 -6.08
CA TYR A 344 33.36 17.58 -7.30
C TYR A 344 34.27 18.77 -7.02
N ALA A 345 35.57 18.57 -7.24
CA ALA A 345 36.55 19.62 -7.04
C ALA A 345 37.76 19.27 -7.89
N GLU A 346 38.51 20.30 -8.28
CA GLU A 346 39.69 20.12 -9.12
C GLU A 346 40.64 19.02 -8.66
N ASN A 347 40.91 18.95 -7.36
CA ASN A 347 41.81 17.95 -6.81
C ASN A 347 41.37 16.54 -7.19
N LYS A 348 40.16 16.42 -7.74
CA LYS A 348 39.62 15.13 -8.17
C LYS A 348 40.06 14.80 -9.61
N LEU A 349 40.38 15.85 -10.37
CA LEU A 349 40.82 15.70 -11.75
C LEU A 349 42.08 14.90 -11.82
N ILE A 350 42.20 14.10 -12.88
CA ILE A 350 43.37 13.28 -13.09
C ILE A 350 44.19 13.84 -14.25
N LEU A 351 45.30 14.48 -13.90
CA LEU A 351 46.20 15.08 -14.88
C LEU A 351 46.80 14.01 -15.79
N LYS A 352 46.13 13.73 -16.90
CA LYS A 352 46.62 12.74 -17.86
C LYS A 352 47.55 13.41 -18.88
N LYS A 353 48.63 12.73 -19.28
CA LYS A 353 49.58 13.31 -20.23
C LYS A 353 48.95 13.63 -21.59
N GLN A 354 48.11 12.70 -22.07
CA GLN A 354 47.44 12.85 -23.36
C GLN A 354 45.99 12.40 -23.21
N ASN A 355 45.07 13.35 -23.20
CA ASN A 355 43.66 13.02 -23.06
C ASN A 355 42.83 13.52 -24.22
N PRO A 356 41.68 12.87 -24.47
CA PRO A 356 40.78 13.23 -25.57
C PRO A 356 40.54 14.72 -25.69
N LYS A 357 40.43 15.17 -26.94
CA LYS A 357 40.24 16.58 -27.20
C LYS A 357 38.93 17.11 -26.65
N LEU A 358 37.98 16.21 -26.43
CA LEU A 358 36.72 16.62 -25.85
C LEU A 358 36.92 17.13 -24.42
N ILE A 359 37.77 16.46 -23.64
CA ILE A 359 37.98 16.95 -22.28
C ILE A 359 38.98 18.09 -22.35
N ASP A 360 39.72 18.16 -23.45
CA ASP A 360 40.66 19.26 -23.58
C ASP A 360 39.86 20.54 -23.68
N GLU A 361 38.79 20.49 -24.49
CA GLU A 361 37.93 21.65 -24.69
C GLU A 361 37.23 21.98 -23.37
N LEU A 362 36.88 20.95 -22.62
CA LEU A 362 36.24 21.16 -21.34
C LEU A 362 37.16 21.97 -20.43
N TYR A 363 38.47 21.69 -20.48
CA TYR A 363 39.42 22.44 -19.66
C TYR A 363 39.39 23.91 -20.06
N ASP A 364 39.66 24.17 -21.34
CA ASP A 364 39.68 25.53 -21.88
C ASP A 364 38.40 26.25 -21.50
N LEU A 365 37.28 25.60 -21.75
CA LEU A 365 35.99 26.19 -21.44
C LEU A 365 35.98 26.59 -19.97
N TYR A 366 36.52 25.72 -19.11
CA TYR A 366 36.56 25.99 -17.68
C TYR A 366 37.40 27.18 -17.28
N LYS A 367 38.60 27.29 -17.85
CA LYS A 367 39.47 28.40 -17.50
C LYS A 367 39.12 29.67 -18.26
N SER A 368 38.27 29.56 -19.28
CA SER A 368 37.87 30.72 -20.08
C SER A 368 36.48 31.23 -19.71
N ILE A 369 35.84 30.57 -18.75
CA ILE A 369 34.51 30.99 -18.35
C ILE A 369 34.52 32.44 -17.85
N LYS A 370 33.41 33.13 -18.05
CA LYS A 370 33.27 34.51 -17.62
C LYS A 370 31.82 34.96 -17.78
N PRO A 371 31.40 36.01 -17.07
CA PRO A 371 30.03 36.52 -17.13
C PRO A 371 29.47 36.60 -18.54
N SER A 372 30.27 37.14 -19.45
CA SER A 372 29.91 37.28 -20.86
C SER A 372 29.44 35.99 -21.52
N ASN A 373 30.34 35.00 -21.55
CA ASN A 373 30.08 33.70 -22.16
C ASN A 373 29.54 32.65 -21.20
N ALA A 374 29.31 33.05 -19.96
CA ALA A 374 28.83 32.13 -18.94
C ALA A 374 27.75 31.18 -19.43
N LEU A 375 26.58 31.74 -19.76
CA LEU A 375 25.46 30.94 -20.21
C LEU A 375 25.74 30.10 -21.46
N GLU A 376 26.61 30.60 -22.33
CA GLU A 376 26.95 29.88 -23.55
C GLU A 376 27.80 28.65 -23.22
N TYR A 377 28.87 28.88 -22.46
CA TYR A 377 29.78 27.82 -22.04
C TYR A 377 29.06 26.70 -21.31
N LEU A 378 28.04 27.06 -20.54
CA LEU A 378 27.27 26.07 -19.82
C LEU A 378 26.71 25.06 -20.82
N HIS A 379 26.07 25.55 -21.87
CA HIS A 379 25.48 24.67 -22.89
C HIS A 379 26.52 23.78 -23.52
N ASP A 380 27.61 24.38 -23.97
CA ASP A 380 28.67 23.62 -24.62
C ASP A 380 29.26 22.58 -23.67
N SER A 381 29.50 22.95 -22.42
CA SER A 381 30.09 22.00 -21.48
C SER A 381 29.24 20.74 -21.41
N ILE A 382 27.93 20.90 -21.37
CA ILE A 382 27.04 19.74 -21.29
C ILE A 382 27.12 18.89 -22.54
N ASP A 383 27.06 19.52 -23.71
CA ASP A 383 27.13 18.76 -24.95
C ASP A 383 28.38 17.90 -24.94
N HIS A 384 29.51 18.52 -24.62
CA HIS A 384 30.78 17.80 -24.56
C HIS A 384 30.65 16.57 -23.65
N LEU A 385 30.02 16.75 -22.48
CA LEU A 385 29.84 15.64 -21.55
C LEU A 385 29.07 14.51 -22.22
N GLU A 386 27.97 14.88 -22.88
CA GLU A 386 27.13 13.94 -23.59
C GLU A 386 27.98 13.16 -24.59
N SER A 387 28.92 13.87 -25.23
CA SER A 387 29.82 13.27 -26.22
C SER A 387 30.73 12.25 -25.58
N ILE A 388 31.50 12.70 -24.59
CA ILE A 388 32.39 11.85 -23.86
C ILE A 388 31.63 10.62 -23.39
N LEU A 389 30.42 10.82 -22.88
CA LEU A 389 29.64 9.69 -22.44
C LEU A 389 29.35 8.75 -23.60
N THR A 390 28.83 9.30 -24.70
CA THR A 390 28.54 8.46 -25.86
C THR A 390 29.77 7.68 -26.29
N LEU A 391 30.92 8.34 -26.24
CA LEU A 391 32.17 7.68 -26.61
C LEU A 391 32.54 6.58 -25.63
N PHE A 392 32.26 6.78 -24.35
CA PHE A 392 32.56 5.79 -23.31
C PHE A 392 31.75 4.53 -23.54
N ASP A 393 30.49 4.73 -23.92
CA ASP A 393 29.55 3.64 -24.20
C ASP A 393 29.93 2.93 -25.49
N LEU A 394 30.87 3.52 -26.23
CA LEU A 394 31.33 2.92 -27.47
C LEU A 394 32.71 2.36 -27.28
N GLY A 395 33.30 2.65 -26.14
CA GLY A 395 34.63 2.13 -25.86
C GLY A 395 35.74 2.94 -26.47
N TYR A 396 35.54 4.25 -26.58
CA TYR A 396 36.56 5.11 -27.14
C TYR A 396 37.26 5.97 -26.11
N VAL A 397 36.79 5.95 -24.87
CA VAL A 397 37.47 6.72 -23.84
C VAL A 397 37.45 5.85 -22.60
N ASP A 398 38.34 6.13 -21.65
CA ASP A 398 38.37 5.31 -20.45
C ASP A 398 37.54 5.92 -19.31
N LEU A 399 37.58 5.25 -18.16
CA LEU A 399 36.85 5.72 -17.00
C LEU A 399 37.46 7.02 -16.46
N GLN A 400 38.77 7.19 -16.59
CA GLN A 400 39.38 8.42 -16.10
C GLN A 400 38.84 9.59 -16.92
N ASP A 401 38.84 9.41 -18.25
CA ASP A 401 38.34 10.46 -19.14
C ASP A 401 36.92 10.76 -18.71
N ARG A 402 36.12 9.73 -18.57
CA ARG A 402 34.75 9.91 -18.14
C ARG A 402 34.71 10.67 -16.82
N SER A 403 35.58 10.28 -15.87
CA SER A 403 35.64 10.97 -14.59
C SER A 403 36.00 12.44 -14.78
N ASN A 404 37.03 12.71 -15.58
CA ASN A 404 37.44 14.10 -15.82
C ASN A 404 36.30 14.94 -16.40
N ALA A 405 35.63 14.37 -17.39
CA ALA A 405 34.51 15.03 -18.04
C ALA A 405 33.46 15.39 -16.99
N GLU A 406 33.03 14.40 -16.22
CA GLU A 406 32.02 14.68 -15.20
C GLU A 406 32.53 15.74 -14.24
N ILE A 407 33.76 15.61 -13.75
CA ILE A 407 34.30 16.61 -12.82
C ILE A 407 34.25 18.02 -13.43
N LEU A 408 34.84 18.14 -14.62
CA LEU A 408 34.90 19.41 -15.32
C LEU A 408 33.53 20.04 -15.60
N THR A 409 32.62 19.23 -16.14
CA THR A 409 31.28 19.69 -16.46
C THR A 409 30.61 20.24 -15.22
N HIS A 410 30.75 19.51 -14.12
CA HIS A 410 30.15 19.96 -12.88
C HIS A 410 30.82 21.25 -12.42
N LEU A 411 32.15 21.28 -12.41
CA LEU A 411 32.89 22.47 -12.00
C LEU A 411 32.45 23.68 -12.80
N ILE A 412 32.42 23.51 -14.12
CA ILE A 412 32.01 24.58 -15.02
C ILE A 412 30.58 25.00 -14.74
N THR A 413 29.69 24.01 -14.66
CA THR A 413 28.29 24.30 -14.41
C THR A 413 28.13 25.12 -13.14
N LYS A 414 28.82 24.74 -12.09
CA LYS A 414 28.72 25.45 -10.83
C LYS A 414 29.35 26.83 -10.94
N LYS A 415 30.57 26.90 -11.47
CA LYS A 415 31.26 28.19 -11.64
C LYS A 415 30.46 29.12 -12.54
N ALA A 416 29.55 28.53 -13.31
CA ALA A 416 28.70 29.27 -14.24
C ALA A 416 27.64 30.01 -13.45
N ILE A 417 26.80 29.26 -12.75
CA ILE A 417 25.73 29.85 -11.94
C ILE A 417 26.30 31.00 -11.11
N LEU A 418 27.51 30.81 -10.59
CA LEU A 418 28.16 31.86 -9.81
C LEU A 418 28.19 33.16 -10.61
N LEU A 419 28.82 33.12 -11.78
CA LEU A 419 28.96 34.29 -12.66
C LEU A 419 27.64 34.72 -13.29
N LEU A 420 26.67 33.82 -13.31
CA LEU A 420 25.36 34.10 -13.88
C LEU A 420 24.52 34.85 -12.87
N GLY A 421 24.98 36.03 -12.47
CA GLY A 421 24.26 36.85 -11.52
C GLY A 421 24.26 36.30 -10.11
N GLU A 435 20.04 21.92 -9.19
CA GLU A 435 20.13 20.52 -8.76
C GLU A 435 20.11 20.44 -7.23
N VAL A 436 19.98 19.23 -6.69
CA VAL A 436 19.94 19.05 -5.24
C VAL A 436 21.35 19.13 -4.65
N GLN A 437 21.51 19.97 -3.64
CA GLN A 437 22.78 20.17 -2.97
C GLN A 437 23.22 18.95 -2.14
N GLU A 438 22.27 18.33 -1.44
CA GLU A 438 22.56 17.16 -0.62
C GLU A 438 21.37 16.24 -0.37
N ARG A 439 21.64 14.94 -0.30
CA ARG A 439 20.60 13.96 -0.06
C ARG A 439 20.81 13.42 1.36
N TYR A 440 19.74 13.45 2.16
CA TYR A 440 19.76 13.00 3.53
C TYR A 440 19.24 11.57 3.71
N LEU A 441 20.06 10.71 4.31
CA LEU A 441 19.69 9.33 4.54
C LEU A 441 19.08 9.23 5.93
N VAL A 442 17.76 9.21 6.00
CA VAL A 442 17.07 9.15 7.28
C VAL A 442 16.85 7.71 7.68
N ASN A 443 16.95 7.41 8.97
CA ASN A 443 16.75 6.04 9.42
C ASN A 443 15.27 5.70 9.65
N PHE A 444 14.54 5.41 8.58
CA PHE A 444 13.13 5.03 8.69
C PHE A 444 12.71 4.46 7.35
N SER A 445 11.44 4.10 7.21
CA SER A 445 10.97 3.53 5.96
C SER A 445 9.82 4.37 5.36
N LEU A 446 9.98 4.82 4.11
CA LEU A 446 8.96 5.62 3.43
C LEU A 446 7.81 4.75 2.93
N PHE A 447 7.83 3.47 3.31
CA PHE A 447 6.80 2.53 2.92
C PHE A 447 6.13 2.04 4.19
N GLN A 448 6.86 2.08 5.29
CA GLN A 448 6.31 1.62 6.55
C GLN A 448 5.48 2.67 7.26
N SER A 449 6.09 3.79 7.62
CA SER A 449 5.37 4.84 8.33
C SER A 449 4.63 5.83 7.45
N PRO A 451 3.01 5.30 3.92
CA PRO A 451 2.56 4.65 2.69
C PRO A 451 1.84 5.62 1.75
N ASP A 452 0.99 6.49 2.31
CA ASP A 452 0.23 7.48 1.52
C ASP A 452 1.15 8.32 0.64
N PHE A 453 2.45 8.27 0.92
CA PHE A 453 3.38 9.02 0.11
C PHE A 453 3.64 8.25 -1.19
N TRP A 454 3.85 6.95 -1.08
CA TRP A 454 4.10 6.10 -2.25
C TRP A 454 2.81 5.77 -2.99
N GLY A 455 1.76 5.47 -2.23
CA GLY A 455 0.47 5.13 -2.81
C GLY A 455 -0.12 6.27 -3.62
N LEU A 456 -0.27 7.44 -2.99
CA LEU A 456 -0.81 8.62 -3.68
C LEU A 456 0.09 9.85 -3.56
N GLU A 457 -0.40 10.97 -4.06
CA GLU A 457 0.36 12.21 -4.00
C GLU A 457 0.64 12.66 -2.54
N GLN A 458 -0.23 12.24 -1.62
CA GLN A 458 -0.13 12.60 -0.19
C GLN A 458 1.26 13.01 0.30
N ASN A 459 1.40 14.26 0.70
CA ASN A 459 2.68 14.77 1.18
C ASN A 459 2.58 15.18 2.63
N PHE A 460 3.55 14.78 3.45
CA PHE A 460 3.51 15.15 4.86
C PHE A 460 4.53 16.22 5.19
N PRO A 461 4.13 17.20 6.01
CA PRO A 461 5.08 18.24 6.35
C PRO A 461 6.33 17.65 6.96
N ILE A 462 7.47 18.22 6.61
CA ILE A 462 8.76 17.74 7.11
C ILE A 462 9.60 18.90 7.59
N PRO A 464 13.06 19.89 10.61
CA PRO A 464 14.00 19.43 11.64
C PRO A 464 13.42 19.66 13.02
N LEU A 465 13.88 18.91 14.01
CA LEU A 465 13.36 19.09 15.35
C LEU A 465 14.01 20.24 16.10
N ASP A 466 15.17 20.67 15.65
CA ASP A 466 15.88 21.76 16.31
C ASP A 466 16.73 22.49 15.29
N ARG A 467 17.54 23.43 15.79
CA ARG A 467 18.42 24.23 14.95
C ARG A 467 17.58 25.12 14.03
N LEU A 468 16.38 25.48 14.50
CA LEU A 468 15.45 26.30 13.74
C LEU A 468 15.79 27.79 13.83
N ASP A 469 16.53 28.17 14.85
CA ASP A 469 16.94 29.55 15.04
C ASP A 469 17.95 29.93 13.97
N GLU A 470 18.47 28.92 13.27
CA GLU A 470 19.45 29.09 12.20
C GLU A 470 18.77 28.92 10.84
N GLU A 471 19.31 29.57 9.82
CA GLU A 471 18.73 29.50 8.49
C GLU A 471 19.33 28.34 7.69
N PRO A 472 18.50 27.38 7.26
CA PRO A 472 18.97 26.23 6.48
C PRO A 472 19.55 26.66 5.14
N THR A 473 20.60 25.99 4.71
CA THR A 473 21.25 26.36 3.47
C THR A 473 21.63 25.16 2.61
N ARG A 474 20.68 24.25 2.42
CA ARG A 474 20.94 23.05 1.63
C ARG A 474 19.69 22.52 0.99
N SER A 475 19.56 22.68 -0.34
CA SER A 475 18.39 22.17 -1.04
C SER A 475 18.45 20.66 -0.88
N ALA A 476 17.64 20.13 0.02
CA ALA A 476 17.66 18.70 0.31
C ALA A 476 16.59 17.83 -0.34
N SER A 477 16.84 16.53 -0.34
CA SER A 477 15.90 15.56 -0.88
C SER A 477 16.16 14.32 -0.03
N ILE A 478 15.48 14.24 1.11
CA ILE A 478 15.64 13.13 2.05
C ILE A 478 15.14 11.78 1.54
N TRP A 479 15.95 10.75 1.74
CA TRP A 479 15.55 9.41 1.34
C TRP A 479 15.81 8.40 2.46
N ASP A 480 14.98 7.35 2.50
CA ASP A 480 15.10 6.34 3.53
C ASP A 480 16.11 5.25 3.19
N ILE A 481 16.38 4.39 4.17
CA ILE A 481 17.32 3.31 4.00
C ILE A 481 16.66 2.11 3.34
N THR A 482 16.53 2.16 2.01
CA THR A 482 15.93 1.08 1.25
C THR A 482 16.56 1.00 -0.13
N CYS A 483 16.69 -0.22 -0.65
CA CYS A 483 17.29 -0.43 -1.96
C CYS A 483 16.45 0.31 -3.00
N ASP A 484 15.16 -0.03 -3.03
CA ASP A 484 14.20 0.58 -3.95
C ASP A 484 14.35 2.08 -4.01
N SER A 485 14.69 2.57 -5.19
CA SER A 485 14.86 3.99 -5.39
C SER A 485 13.52 4.70 -5.29
N ASP A 486 12.43 3.95 -5.38
CA ASP A 486 11.10 4.55 -5.30
C ASP A 486 10.77 4.91 -3.85
N GLY A 487 11.79 4.89 -2.99
CA GLY A 487 11.58 5.23 -1.60
C GLY A 487 12.36 6.44 -1.18
N GLU A 488 12.04 7.60 -1.75
CA GLU A 488 12.75 8.82 -1.39
C GLU A 488 11.90 10.05 -1.67
N ILE A 489 11.98 11.03 -0.78
CA ILE A 489 11.23 12.26 -0.96
C ILE A 489 12.14 13.28 -1.62
N SER A 490 12.21 13.20 -2.95
CA SER A 490 13.05 14.07 -3.77
C SER A 490 12.70 15.56 -3.70
N TYR A 491 13.69 16.40 -3.97
CA TYR A 491 13.53 17.86 -3.96
C TYR A 491 12.66 18.29 -5.14
N SER A 492 11.85 19.33 -4.95
CA SER A 492 10.98 19.80 -6.02
C SER A 492 10.89 21.32 -6.05
N LYS A 493 10.51 21.86 -7.21
CA LYS A 493 10.36 23.29 -7.37
C LYS A 493 9.17 23.78 -6.53
N ASP A 494 8.10 23.00 -6.54
CA ASP A 494 6.89 23.32 -5.77
C ASP A 494 7.09 22.89 -4.32
N LYS A 495 8.09 22.04 -4.10
CA LYS A 495 8.40 21.55 -2.77
C LYS A 495 9.86 21.80 -2.44
N PRO A 496 10.27 23.07 -2.37
CA PRO A 496 11.65 23.43 -2.05
C PRO A 496 12.02 23.18 -0.58
N LEU A 497 12.64 22.03 -0.32
CA LEU A 497 13.03 21.67 1.04
C LEU A 497 14.49 22.02 1.33
N PHE A 498 14.71 22.73 2.42
CA PHE A 498 16.05 23.12 2.83
C PHE A 498 16.34 22.67 4.26
N LEU A 499 17.46 21.96 4.43
CA LEU A 499 17.91 21.47 5.73
C LEU A 499 19.27 22.04 6.09
N HIS A 500 19.57 22.14 7.37
CA HIS A 500 20.84 22.67 7.80
C HIS A 500 22.00 21.74 7.48
N ASP A 501 23.15 22.32 7.14
CA ASP A 501 24.33 21.52 6.83
C ASP A 501 24.95 21.07 8.14
N VAL A 502 24.66 19.85 8.55
CA VAL A 502 25.19 19.36 9.81
C VAL A 502 26.17 18.22 9.60
N ASP A 503 26.89 17.87 10.67
CA ASP A 503 27.86 16.79 10.60
C ASP A 503 27.29 15.60 11.38
N VAL A 504 26.79 14.61 10.66
CA VAL A 504 26.20 13.44 11.28
C VAL A 504 27.00 12.83 12.43
N GLU A 505 28.30 12.69 12.22
CA GLU A 505 29.18 12.10 13.24
C GLU A 505 29.58 13.08 14.35
N LYS A 506 29.42 14.37 14.09
CA LYS A 506 29.78 15.40 15.07
C LYS A 506 28.60 15.73 15.99
N GLU A 507 27.39 15.69 15.43
CA GLU A 507 26.18 15.99 16.19
C GLU A 507 24.99 15.16 15.68
N ASN A 508 23.85 15.31 16.35
CA ASN A 508 22.64 14.59 15.98
C ASN A 508 21.66 15.50 15.26
N TYR A 509 21.05 14.98 14.20
CA TYR A 509 20.10 15.75 13.42
C TYR A 509 18.87 14.91 13.15
N PHE A 510 17.76 15.28 13.79
CA PHE A 510 16.50 14.54 13.63
C PHE A 510 15.47 15.24 12.75
N LEU A 511 14.78 14.46 11.94
CA LEU A 511 13.74 15.02 11.09
C LEU A 511 12.38 14.61 11.61
N GLY A 512 11.38 15.44 11.37
CA GLY A 512 10.05 15.14 11.84
C GLY A 512 9.03 15.13 10.72
N PHE A 513 8.22 14.08 10.69
CA PHE A 513 7.19 13.96 9.68
C PHE A 513 5.86 14.08 10.42
N PHE A 514 5.13 15.16 10.17
CA PHE A 514 3.87 15.42 10.87
C PHE A 514 2.58 15.01 10.16
N LEU A 515 1.49 15.02 10.91
CA LEU A 515 0.18 14.68 10.37
C LEU A 515 0.15 13.28 9.83
N VAL A 516 1.00 12.46 10.40
CA VAL A 516 1.13 11.09 9.96
C VAL A 516 0.30 10.12 10.80
N GLY A 517 -0.58 10.66 11.64
CA GLY A 517 -1.40 9.84 12.49
C GLY A 517 -2.66 9.25 11.85
N ALA A 518 -2.84 9.41 10.55
CA ALA A 518 -4.04 8.87 9.93
C ALA A 518 -3.71 8.03 8.69
N TYR A 519 -4.27 6.83 8.62
CA TYR A 519 -4.04 5.96 7.47
C TYR A 519 -2.61 5.48 7.22
N GLN A 520 -1.61 6.01 7.91
CA GLN A 520 -0.24 5.57 7.63
C GLN A 520 0.15 4.27 8.28
N GLU A 521 -0.14 4.14 9.56
CA GLU A 521 0.22 2.94 10.24
C GLU A 521 -0.57 1.75 9.71
N VAL A 522 -1.86 1.95 9.44
CA VAL A 522 -2.73 0.90 8.93
C VAL A 522 -2.29 0.45 7.55
N LEU A 523 -1.64 1.36 6.82
CA LEU A 523 -1.17 1.03 5.49
C LEU A 523 0.34 0.83 5.50
N GLY A 524 0.89 0.52 6.67
CA GLY A 524 2.32 0.28 6.80
C GLY A 524 2.69 -1.03 6.13
N LYS A 526 5.37 -2.33 5.24
CA LYS A 526 6.45 -3.09 5.89
C LYS A 526 7.33 -3.73 4.80
N HIS A 527 7.86 -2.86 3.94
CA HIS A 527 8.69 -3.22 2.80
C HIS A 527 9.76 -4.30 3.11
N ASN A 528 11.03 -3.91 3.18
CA ASN A 528 12.10 -4.88 3.45
C ASN A 528 12.08 -5.38 4.89
N LEU A 529 10.92 -5.84 5.34
CA LEU A 529 10.73 -6.34 6.69
C LEU A 529 10.96 -5.32 7.80
N PHE A 530 11.05 -4.04 7.44
CA PHE A 530 11.25 -3.01 8.46
C PHE A 530 9.92 -2.89 9.20
N THR A 531 9.84 -3.50 10.38
CA THR A 531 8.60 -3.47 11.16
C THR A 531 8.28 -2.10 11.75
N HIS A 532 7.05 -1.97 12.23
CA HIS A 532 6.59 -0.72 12.86
C HIS A 532 7.67 -0.23 13.83
N PRO A 533 8.02 1.06 13.75
CA PRO A 533 9.04 1.61 14.64
C PRO A 533 8.56 1.72 16.08
N THR A 534 9.48 1.93 17.01
CA THR A 534 9.06 2.04 18.40
C THR A 534 8.12 3.22 18.55
N GLU A 535 7.04 3.05 19.30
CA GLU A 535 6.12 4.16 19.49
C GLU A 535 5.98 4.45 20.97
N ALA A 536 5.71 5.70 21.31
CA ALA A 536 5.57 6.08 22.72
C ALA A 536 4.47 7.11 22.82
N ILE A 537 3.74 7.08 23.92
CA ILE A 537 2.65 8.03 24.16
C ILE A 537 3.10 9.11 25.13
N ILE A 538 3.16 10.35 24.66
CA ILE A 538 3.61 11.46 25.49
C ILE A 538 2.48 12.25 26.14
N SER A 539 2.46 12.26 27.47
CA SER A 539 1.44 12.99 28.22
C SER A 539 2.00 14.32 28.68
N ILE A 540 1.19 15.36 28.63
CA ILE A 540 1.65 16.69 29.01
C ILE A 540 0.73 17.37 30.02
N ASN A 541 1.30 18.04 31.01
CA ASN A 541 0.52 18.74 32.02
C ASN A 541 1.29 19.98 32.49
N GLU A 542 0.81 20.60 33.57
CA GLU A 542 1.47 21.80 34.09
C GLU A 542 2.86 21.55 34.63
N LYS A 543 3.14 20.31 35.04
CA LYS A 543 4.43 19.91 35.60
C LYS A 543 5.44 19.68 34.47
N GLY A 544 4.94 19.29 33.31
CA GLY A 544 5.79 19.02 32.16
C GLY A 544 5.24 17.87 31.33
N TYR A 545 6.12 17.05 30.77
CA TYR A 545 5.66 15.92 29.96
C TYR A 545 6.10 14.61 30.60
N GLU A 546 5.44 13.52 30.25
CA GLU A 546 5.82 12.24 30.81
C GLU A 546 5.68 11.11 29.79
N VAL A 547 6.80 10.51 29.43
CA VAL A 547 6.79 9.40 28.48
C VAL A 547 6.06 8.24 29.11
N GLU A 548 5.32 7.49 28.31
CA GLU A 548 4.60 6.33 28.83
C GLU A 548 3.99 5.48 27.72
N GLY A 549 3.71 4.22 28.01
CA GLY A 549 3.12 3.38 27.00
C GLY A 549 4.02 3.18 25.79
N ILE A 550 5.24 2.76 26.06
CA ILE A 550 6.22 2.53 25.02
C ILE A 550 6.02 1.15 24.42
N ILE A 551 6.18 1.03 23.11
CA ILE A 551 6.08 -0.25 22.41
C ILE A 551 7.36 -0.35 21.60
N GLU A 552 8.29 -1.15 22.09
CA GLU A 552 9.57 -1.30 21.42
C GLU A 552 9.45 -2.03 20.10
N ALA A 553 10.30 -1.68 19.16
CA ALA A 553 10.28 -2.30 17.84
C ALA A 553 10.70 -3.77 17.88
N GLN A 554 9.96 -4.63 17.17
CA GLN A 554 10.22 -6.06 17.11
C GLN A 554 11.66 -6.40 16.78
N SER A 555 12.13 -7.54 17.27
CA SER A 555 13.49 -7.95 16.96
C SER A 555 13.40 -8.76 15.67
N ILE A 556 14.52 -8.87 14.98
CA ILE A 556 14.59 -9.63 13.73
C ILE A 556 13.89 -10.97 13.92
N LEU A 557 14.25 -11.65 15.00
CA LEU A 557 13.69 -12.95 15.33
C LEU A 557 12.17 -12.89 15.36
N ASP A 558 11.63 -11.93 16.12
CA ASP A 558 10.18 -11.78 16.21
C ASP A 558 9.58 -11.56 14.82
N THR A 559 10.22 -10.70 14.03
CA THR A 559 9.74 -10.42 12.69
C THR A 559 9.64 -11.67 11.82
N LEU A 560 10.67 -12.51 11.90
CA LEU A 560 10.71 -13.74 11.12
C LEU A 560 9.58 -14.64 11.56
N GLU A 561 9.32 -14.69 12.86
CA GLU A 561 8.27 -15.53 13.36
C GLU A 561 6.93 -15.07 12.82
N ASP A 562 6.71 -13.76 12.82
CA ASP A 562 5.46 -13.23 12.31
C ASP A 562 5.19 -13.65 10.88
N LEU A 563 6.22 -14.05 10.16
CA LEU A 563 6.02 -14.49 8.79
C LEU A 563 5.79 -15.98 8.80
N ASP A 564 5.69 -16.53 10.01
CA ASP A 564 5.45 -17.95 10.19
C ASP A 564 6.67 -18.79 9.95
N TYR A 565 7.83 -18.30 10.37
CA TYR A 565 9.05 -19.05 10.21
C TYR A 565 9.31 -19.73 11.53
N ASP A 566 9.98 -20.88 11.51
CA ASP A 566 10.27 -21.59 12.74
C ASP A 566 11.53 -20.99 13.39
N ILE A 567 11.33 -20.06 14.32
CA ILE A 567 12.45 -19.43 15.00
C ILE A 567 13.42 -20.46 15.57
N HIS A 568 12.89 -21.46 16.27
CA HIS A 568 13.73 -22.49 16.87
C HIS A 568 14.57 -23.15 15.78
N ALA A 569 13.92 -23.49 14.66
CA ALA A 569 14.60 -24.12 13.54
C ALA A 569 15.73 -23.22 13.01
N ILE A 570 15.38 -21.98 12.69
CA ILE A 570 16.35 -21.02 12.19
C ILE A 570 17.57 -20.92 13.09
N ASP A 572 18.64 -23.22 15.26
CA ASP A 572 19.36 -24.49 15.22
C ASP A 572 20.24 -24.50 13.98
N ILE A 573 19.66 -24.30 12.80
CA ILE A 573 20.46 -24.32 11.59
C ILE A 573 21.58 -23.29 11.65
N LEU A 574 21.28 -22.06 12.08
CA LEU A 574 22.35 -21.05 12.17
C LEU A 574 23.46 -21.48 13.10
N ASN A 575 23.05 -22.03 14.25
CA ASN A 575 24.00 -22.49 15.23
C ASN A 575 24.89 -23.59 14.65
N GLU A 576 24.25 -24.51 13.95
CA GLU A 576 24.92 -25.63 13.33
C GLU A 576 25.94 -25.18 12.28
N ARG A 577 25.53 -24.32 11.36
CA ARG A 577 26.43 -23.84 10.32
C ARG A 577 27.70 -23.21 10.85
N ILE A 578 27.60 -22.51 11.97
CA ILE A 578 28.78 -21.90 12.55
C ILE A 578 29.65 -23.01 13.14
N SER A 579 29.02 -23.96 13.80
CA SER A 579 29.73 -25.06 14.43
C SER A 579 30.44 -25.98 13.45
N ASN A 580 29.77 -26.37 12.39
CA ASN A 580 30.41 -27.25 11.44
C ASN A 580 31.32 -26.52 10.48
N SER A 581 31.39 -25.19 10.60
CA SER A 581 32.23 -24.40 9.71
C SER A 581 33.70 -24.78 9.87
N LYS A 582 34.42 -24.80 8.76
CA LYS A 582 35.83 -25.13 8.84
C LYS A 582 36.71 -23.98 8.40
N LEU A 583 36.24 -22.75 8.63
CA LEU A 583 37.02 -21.56 8.27
C LEU A 583 37.42 -20.78 9.50
N VAL A 584 36.96 -21.24 10.66
CA VAL A 584 37.24 -20.61 11.94
C VAL A 584 37.39 -21.69 13.00
N ASN A 585 38.14 -21.40 14.06
CA ASN A 585 38.36 -22.35 15.14
C ASN A 585 37.27 -22.26 16.20
N ASP A 586 37.33 -23.17 17.17
CA ASP A 586 36.35 -23.21 18.25
C ASP A 586 36.27 -21.85 18.94
N LYS A 587 37.42 -21.35 19.36
CA LYS A 587 37.50 -20.08 20.04
C LYS A 587 36.67 -19.01 19.35
N GLN A 588 36.87 -18.90 18.04
CA GLN A 588 36.18 -17.94 17.20
C GLN A 588 34.70 -18.27 17.05
N LYS A 589 34.38 -19.53 16.81
CA LYS A 589 32.99 -19.94 16.65
C LYS A 589 32.16 -19.54 17.84
N LYS A 590 32.76 -19.58 19.02
CA LYS A 590 32.02 -19.20 20.23
C LYS A 590 31.74 -17.71 20.15
N HIS A 591 32.76 -16.94 19.79
CA HIS A 591 32.64 -15.50 19.65
C HIS A 591 31.51 -15.14 18.66
N ILE A 592 31.51 -15.81 17.50
CA ILE A 592 30.51 -15.61 16.46
C ILE A 592 29.11 -15.81 17.06
N LEU A 593 28.92 -16.90 17.78
CA LEU A 593 27.64 -17.17 18.39
C LEU A 593 27.14 -16.00 19.23
N GLY A 594 28.01 -15.45 20.07
CA GLY A 594 27.62 -14.34 20.90
C GLY A 594 27.08 -13.18 20.11
N GLU A 595 27.73 -12.85 19.01
CA GLU A 595 27.32 -11.76 18.17
C GLU A 595 25.99 -12.11 17.52
N LEU A 596 25.97 -13.24 16.83
CA LEU A 596 24.77 -13.69 16.15
C LEU A 596 23.52 -13.59 17.01
N TYR A 597 23.64 -13.96 18.28
CA TYR A 597 22.48 -13.92 19.18
C TYR A 597 22.10 -12.51 19.58
N LEU A 598 23.08 -11.62 19.57
CA LEU A 598 22.84 -10.25 19.90
C LEU A 598 22.05 -9.57 18.75
N PHE A 599 22.46 -9.88 17.52
CA PHE A 599 21.82 -9.30 16.33
C PHE A 599 20.41 -9.82 16.11
N LEU A 600 20.18 -11.06 16.52
CA LEU A 600 18.87 -11.68 16.36
C LEU A 600 17.83 -11.05 17.28
N ASN A 601 18.26 -10.68 18.48
CA ASN A 601 17.36 -10.09 19.45
C ASN A 601 17.33 -8.57 19.35
N ASP A 602 17.79 -8.03 18.23
CA ASP A 602 17.82 -6.59 18.05
C ASP A 602 16.89 -6.19 16.88
N ASN A 603 16.41 -4.96 16.88
CA ASN A 603 15.51 -4.52 15.80
C ASN A 603 16.31 -4.44 14.50
N GLY A 604 15.61 -4.42 13.38
CA GLY A 604 16.27 -4.40 12.08
C GLY A 604 16.64 -3.05 11.52
N TYR A 605 16.47 -2.00 12.29
CA TYR A 605 16.83 -0.69 11.79
C TYR A 605 18.33 -0.48 11.88
N LEU A 606 18.84 0.38 11.02
CA LEU A 606 20.27 0.69 11.02
C LEU A 606 20.60 1.41 12.30
N LYS A 607 21.86 1.28 12.72
CA LYS A 607 22.32 1.87 13.97
C LYS A 607 23.03 3.22 13.75
N SER A 608 24.19 3.18 13.09
CA SER A 608 24.98 4.38 12.78
C SER A 608 26.03 4.08 11.70
N ILE A 609 26.61 5.13 11.13
CA ILE A 609 27.63 4.97 10.09
C ILE A 609 28.89 5.80 10.43
N ASP B 3 -11.36 -17.36 -23.32
CA ASP B 3 -10.29 -18.01 -22.56
C ASP B 3 -9.65 -17.04 -21.57
N TYR B 4 -10.19 -15.82 -21.53
CA TYR B 4 -9.67 -14.81 -20.63
C TYR B 4 -8.17 -14.55 -20.87
N GLY B 5 -7.75 -14.72 -22.13
CA GLY B 5 -6.36 -14.50 -22.49
C GLY B 5 -5.41 -15.45 -21.80
N ILE B 6 -5.92 -16.60 -21.37
CA ILE B 6 -5.09 -17.56 -20.68
C ILE B 6 -3.83 -17.91 -21.46
N ASP B 7 -3.82 -17.56 -22.75
CA ASP B 7 -2.67 -17.86 -23.58
C ASP B 7 -1.61 -16.77 -23.55
N ILE B 8 -2.03 -15.55 -23.22
CA ILE B 8 -1.12 -14.43 -23.15
C ILE B 8 -0.31 -14.46 -21.85
N TRP B 9 -1.01 -14.25 -20.73
CA TRP B 9 -0.38 -14.23 -19.42
C TRP B 9 -0.19 -15.63 -18.85
N GLY B 10 -1.00 -16.57 -19.32
CA GLY B 10 -0.93 -17.92 -18.82
C GLY B 10 0.20 -18.81 -19.27
N ASN B 11 0.75 -18.58 -20.45
CA ASN B 11 1.82 -19.45 -20.94
C ASN B 11 1.36 -20.88 -20.87
N GLU B 12 2.29 -21.82 -21.00
CA GLU B 12 1.83 -23.20 -20.92
C GLU B 12 1.81 -23.70 -19.48
N ASN B 13 1.49 -22.82 -18.55
CA ASN B 13 1.44 -23.22 -17.14
C ASN B 13 0.00 -23.48 -16.71
N PHE B 14 -0.93 -22.78 -17.33
CA PHE B 14 -2.35 -22.97 -17.01
C PHE B 14 -3.11 -23.35 -18.26
N ILE B 15 -4.00 -24.32 -18.13
CA ILE B 15 -4.79 -24.74 -19.28
C ILE B 15 -6.24 -24.99 -18.86
N ILE B 16 -7.16 -24.82 -19.81
CA ILE B 16 -8.57 -25.02 -19.56
C ILE B 16 -8.98 -26.42 -19.99
N LYS B 17 -9.56 -27.19 -19.06
CA LYS B 17 -9.97 -28.56 -19.33
C LYS B 17 -11.47 -28.70 -19.54
N ASN B 18 -12.12 -29.39 -18.62
CA ASN B 18 -13.56 -29.59 -18.72
C ASN B 18 -14.28 -28.34 -18.27
N GLY B 19 -14.09 -27.26 -19.02
CA GLY B 19 -14.73 -26.01 -18.66
C GLY B 19 -14.17 -25.42 -17.38
N LYS B 20 -13.01 -25.89 -16.95
CA LYS B 20 -12.39 -25.40 -15.73
C LYS B 20 -10.89 -25.25 -15.88
N VAL B 21 -10.33 -24.18 -15.32
CA VAL B 21 -8.90 -23.93 -15.39
C VAL B 21 -8.13 -24.90 -14.47
N CYS B 22 -7.03 -25.45 -14.99
CA CYS B 22 -6.17 -26.39 -14.26
C CYS B 22 -4.68 -26.07 -14.40
N ILE B 23 -3.87 -26.81 -13.65
CA ILE B 23 -2.44 -26.64 -13.70
C ILE B 23 -1.93 -27.60 -14.78
N ASN B 24 -1.39 -27.05 -15.85
CA ASN B 24 -0.91 -27.90 -16.93
C ASN B 24 0.37 -28.62 -16.52
N TYR B 25 0.25 -29.66 -15.69
CA TYR B 25 1.43 -30.40 -15.26
C TYR B 25 1.28 -31.90 -15.44
N GLU B 26 0.65 -32.59 -14.50
CA GLU B 26 0.49 -34.03 -14.65
C GLU B 26 -0.89 -34.27 -15.24
N LYS B 27 -1.81 -34.75 -14.41
CA LYS B 27 -3.18 -34.98 -14.84
C LYS B 27 -3.90 -33.66 -15.06
N LYS B 28 -3.17 -32.55 -15.01
CA LYS B 28 -3.78 -31.25 -15.21
C LYS B 28 -4.91 -31.02 -14.19
N PRO B 29 -4.58 -31.10 -12.89
CA PRO B 29 -5.53 -30.92 -11.79
C PRO B 29 -6.23 -29.56 -11.88
N ALA B 30 -7.55 -29.55 -11.71
CA ALA B 30 -8.32 -28.32 -11.77
C ALA B 30 -8.26 -27.58 -10.44
N ILE B 31 -8.09 -26.26 -10.51
CA ILE B 31 -8.00 -25.44 -9.30
C ILE B 31 -9.31 -25.52 -8.52
N ILE B 32 -10.43 -25.43 -9.25
CA ILE B 32 -11.75 -25.51 -8.63
C ILE B 32 -11.90 -26.75 -7.77
N ASP B 33 -11.21 -27.83 -8.14
CA ASP B 33 -11.28 -29.08 -7.39
C ASP B 33 -10.50 -28.96 -6.09
N ILE B 34 -9.31 -28.40 -6.17
CA ILE B 34 -8.47 -28.22 -5.01
C ILE B 34 -9.19 -27.31 -4.02
N VAL B 35 -9.83 -26.27 -4.54
CA VAL B 35 -10.56 -25.34 -3.69
C VAL B 35 -11.65 -26.09 -2.93
N LYS B 36 -12.53 -26.75 -3.67
CA LYS B 36 -13.63 -27.52 -3.07
C LYS B 36 -13.15 -28.40 -1.93
N GLU B 37 -12.08 -29.16 -2.17
CA GLU B 37 -11.54 -30.06 -1.15
C GLU B 37 -11.19 -29.28 0.11
N LEU B 38 -10.47 -28.17 -0.07
CA LEU B 38 -10.08 -27.33 1.06
C LEU B 38 -11.31 -26.80 1.78
N ARG B 39 -12.36 -26.47 1.02
CA ARG B 39 -13.57 -25.98 1.65
C ARG B 39 -14.21 -27.10 2.45
N ASP B 40 -14.11 -28.32 1.93
CA ASP B 40 -14.70 -29.46 2.62
C ASP B 40 -13.98 -29.72 3.92
N ASP B 41 -12.70 -29.35 3.97
CA ASP B 41 -11.92 -29.56 5.18
C ASP B 41 -12.24 -28.46 6.19
N GLY B 42 -13.12 -27.56 5.77
CA GLY B 42 -13.54 -26.49 6.65
C GLY B 42 -12.81 -25.17 6.46
N TYR B 43 -12.23 -24.98 5.28
CA TYR B 43 -11.51 -23.76 4.97
C TYR B 43 -12.30 -22.91 3.99
N LYS B 44 -13.21 -22.10 4.52
CA LYS B 44 -14.01 -21.23 3.67
C LYS B 44 -13.28 -19.90 3.55
N GLY B 45 -13.94 -18.93 2.95
CA GLY B 45 -13.32 -17.62 2.79
C GLY B 45 -12.28 -17.62 1.68
N PRO B 46 -11.61 -16.49 1.44
CA PRO B 46 -10.61 -16.42 0.38
C PRO B 46 -9.37 -17.22 0.71
N LEU B 47 -8.80 -17.87 -0.30
CA LEU B 47 -7.59 -18.63 -0.06
C LEU B 47 -6.53 -18.39 -1.10
N LEU B 48 -5.29 -18.34 -0.64
CA LEU B 48 -4.15 -18.15 -1.52
C LEU B 48 -3.49 -19.51 -1.72
N LEU B 49 -3.38 -19.95 -2.97
CA LEU B 49 -2.77 -21.24 -3.26
C LEU B 49 -1.37 -21.06 -3.86
N ARG B 50 -0.42 -21.86 -3.39
CA ARG B 50 0.94 -21.81 -3.89
C ARG B 50 1.24 -23.12 -4.60
N PHE B 51 1.76 -23.02 -5.82
CA PHE B 51 2.10 -24.19 -6.60
C PHE B 51 3.61 -24.26 -6.82
N PRO B 52 4.32 -24.97 -5.93
CA PRO B 52 5.78 -25.10 -6.04
C PRO B 52 6.22 -25.47 -7.45
N HIS B 53 5.48 -26.34 -8.12
CA HIS B 53 5.83 -26.74 -9.46
C HIS B 53 6.07 -25.55 -10.39
N LEU B 54 5.18 -24.55 -10.31
CA LEU B 54 5.32 -23.37 -11.13
C LEU B 54 6.65 -22.68 -10.85
N ILE B 55 7.04 -22.67 -9.58
CA ILE B 55 8.29 -22.06 -9.18
C ILE B 55 9.44 -22.76 -9.89
N GLN B 56 9.37 -24.09 -9.92
CA GLN B 56 10.40 -24.88 -10.59
C GLN B 56 10.41 -24.52 -12.08
N LYS B 57 9.26 -24.62 -12.73
CA LYS B 57 9.17 -24.28 -14.14
C LYS B 57 9.89 -22.97 -14.38
N GLN B 58 9.61 -21.97 -13.56
CA GLN B 58 10.24 -20.68 -13.74
C GLN B 58 11.74 -20.67 -13.63
N ILE B 59 12.27 -21.38 -12.64
CA ILE B 59 13.71 -21.45 -12.44
C ILE B 59 14.37 -22.09 -13.65
N GLU B 60 13.89 -23.26 -14.06
CA GLU B 60 14.48 -23.92 -15.20
C GLU B 60 14.19 -23.16 -16.47
N ASN B 61 13.23 -22.27 -16.41
CA ASN B 61 12.91 -21.47 -17.58
C ASN B 61 13.96 -20.35 -17.71
N ILE B 62 14.39 -19.78 -16.59
CA ILE B 62 15.40 -18.73 -16.61
C ILE B 62 16.74 -19.36 -17.03
N TYR B 63 17.21 -20.34 -16.26
CA TYR B 63 18.45 -21.01 -16.60
C TYR B 63 18.39 -21.58 -18.02
N GLY B 64 17.23 -22.10 -18.39
CA GLY B 64 17.05 -22.67 -19.72
C GLY B 64 17.38 -21.68 -20.82
N ASN B 65 16.77 -20.51 -20.78
CA ASN B 65 17.01 -19.51 -21.80
C ASN B 65 18.42 -18.95 -21.80
N PHE B 66 18.94 -18.63 -20.63
CA PHE B 66 20.27 -18.07 -20.57
C PHE B 66 21.31 -19.09 -21.01
N ASN B 67 21.04 -20.37 -20.84
CA ASN B 67 22.02 -21.35 -21.27
C ASN B 67 21.97 -21.47 -22.78
N LYS B 68 20.78 -21.56 -23.33
CA LYS B 68 20.61 -21.66 -24.77
C LYS B 68 21.15 -20.39 -25.42
N ALA B 69 21.05 -19.27 -24.72
CA ALA B 69 21.56 -18.02 -25.26
C ALA B 69 23.07 -18.04 -25.23
N ARG B 70 23.64 -18.62 -24.18
CA ARG B 70 25.09 -18.65 -24.09
C ARG B 70 25.69 -19.55 -25.14
N LYS B 71 25.04 -20.68 -25.41
CA LYS B 71 25.56 -21.61 -26.40
C LYS B 71 25.47 -21.04 -27.80
N GLU B 72 24.39 -20.32 -28.07
CA GLU B 72 24.18 -19.72 -29.38
C GLU B 72 25.39 -18.87 -29.74
N PHE B 73 25.78 -17.97 -28.87
CA PHE B 73 26.93 -17.13 -29.19
C PHE B 73 28.21 -17.66 -28.58
N GLY B 74 28.21 -18.93 -28.19
CA GLY B 74 29.40 -19.51 -27.59
C GLY B 74 30.03 -18.63 -26.54
N TYR B 75 29.24 -18.25 -25.53
CA TYR B 75 29.70 -17.38 -24.42
C TYR B 75 30.51 -18.17 -23.39
N LYS B 76 31.74 -17.74 -23.13
CA LYS B 76 32.61 -18.45 -22.19
C LYS B 76 32.27 -18.18 -20.73
N GLY B 77 31.74 -16.99 -20.45
CA GLY B 77 31.38 -16.63 -19.08
C GLY B 77 30.25 -17.47 -18.57
N GLY B 78 30.14 -17.56 -17.24
CA GLY B 78 29.09 -18.34 -16.64
C GLY B 78 27.86 -17.50 -16.32
N PHE B 79 26.80 -18.17 -15.89
CA PHE B 79 25.54 -17.53 -15.53
C PHE B 79 25.04 -17.97 -14.19
N ASN B 80 24.43 -17.05 -13.46
CA ASN B 80 23.89 -17.35 -12.14
C ASN B 80 22.70 -16.46 -11.83
N ALA B 81 21.68 -17.08 -11.24
CA ALA B 81 20.45 -16.38 -10.85
C ALA B 81 20.37 -16.17 -9.34
N VAL B 82 19.87 -15.01 -8.95
CA VAL B 82 19.72 -14.72 -7.53
C VAL B 82 18.31 -14.24 -7.25
N TYR B 83 17.75 -14.64 -6.10
CA TYR B 83 16.39 -14.24 -5.76
C TYR B 83 16.28 -13.15 -4.71
N PRO B 84 15.85 -11.95 -5.12
CA PRO B 84 15.72 -10.87 -4.15
C PRO B 84 14.53 -11.18 -3.25
N LEU B 85 14.83 -11.46 -1.99
CA LEU B 85 13.82 -11.78 -1.01
C LEU B 85 12.77 -10.68 -0.87
N LYS B 86 13.18 -9.45 -1.15
CA LYS B 86 12.26 -8.32 -1.04
C LYS B 86 10.94 -8.46 -1.81
N VAL B 87 10.89 -9.29 -2.87
CA VAL B 87 9.64 -9.42 -3.63
C VAL B 87 8.66 -10.38 -2.97
N ASN B 88 9.14 -11.15 -2.00
CA ASN B 88 8.31 -12.10 -1.27
C ASN B 88 9.15 -12.86 -0.27
N GLN B 89 8.96 -12.61 1.01
CA GLN B 89 9.76 -13.32 2.01
C GLN B 89 8.99 -14.42 2.72
N TYR B 90 7.76 -14.66 2.30
CA TYR B 90 6.95 -15.68 2.95
C TYR B 90 7.54 -17.07 2.79
N PRO B 91 7.66 -17.82 3.90
CA PRO B 91 8.22 -19.17 3.85
C PRO B 91 7.58 -20.04 2.77
N GLY B 92 6.25 -19.96 2.66
CA GLY B 92 5.53 -20.73 1.64
C GLY B 92 6.16 -20.62 0.25
N PHE B 93 6.93 -19.58 0.05
CA PHE B 93 7.61 -19.42 -1.22
C PHE B 93 9.10 -19.67 -1.02
N VAL B 94 9.76 -18.82 -0.24
CA VAL B 94 11.20 -18.95 0.02
C VAL B 94 11.72 -20.36 0.27
N LYS B 95 11.06 -21.10 1.17
CA LYS B 95 11.50 -22.46 1.48
C LYS B 95 11.48 -23.34 0.23
N ASN B 96 10.53 -23.09 -0.65
CA ASN B 96 10.44 -23.88 -1.87
C ASN B 96 11.44 -23.44 -2.93
N LEU B 97 11.67 -22.14 -2.99
CA LEU B 97 12.60 -21.61 -3.95
C LEU B 97 14.01 -22.14 -3.70
N VAL B 98 14.50 -22.04 -2.47
CA VAL B 98 15.85 -22.52 -2.21
C VAL B 98 15.95 -24.01 -2.48
N LYS B 99 14.88 -24.73 -2.15
CA LYS B 99 14.88 -26.16 -2.34
C LYS B 99 14.89 -26.49 -3.84
N LEU B 100 13.93 -25.95 -4.59
CA LEU B 100 13.85 -26.17 -6.03
C LEU B 100 15.01 -25.59 -6.83
N GLY B 101 15.61 -24.52 -6.35
CA GLY B 101 16.70 -23.95 -7.12
C GLY B 101 18.07 -24.45 -6.69
N LYS B 102 18.10 -25.47 -5.84
CA LYS B 102 19.40 -25.99 -5.37
C LYS B 102 20.25 -26.52 -6.50
N ASP B 103 19.63 -27.36 -7.33
CA ASP B 103 20.30 -27.99 -8.46
C ASP B 103 20.83 -26.96 -9.44
N TYR B 104 20.34 -25.73 -9.34
CA TYR B 104 20.76 -24.67 -10.25
C TYR B 104 21.70 -23.67 -9.60
N ASN B 105 21.99 -23.93 -8.32
CA ASN B 105 22.88 -23.06 -7.55
C ASN B 105 22.27 -21.66 -7.46
N TYR B 106 20.95 -21.62 -7.38
CA TYR B 106 20.18 -20.38 -7.29
C TYR B 106 20.49 -19.72 -5.96
N GLY B 107 20.86 -18.45 -6.00
CA GLY B 107 21.21 -17.74 -4.77
C GLY B 107 20.10 -16.88 -4.18
N LEU B 108 20.44 -16.11 -3.17
CA LEU B 108 19.48 -15.24 -2.49
C LEU B 108 20.05 -13.84 -2.33
N GLU B 109 19.17 -12.85 -2.43
CA GLU B 109 19.58 -11.47 -2.28
C GLU B 109 18.88 -10.91 -1.05
N ALA B 110 19.58 -10.10 -0.26
CA ALA B 110 18.97 -9.52 0.93
C ALA B 110 19.27 -8.04 0.92
N GLY B 111 18.35 -7.26 1.49
CA GLY B 111 18.53 -5.82 1.53
C GLY B 111 18.28 -5.25 2.91
N SER B 112 18.46 -6.06 3.94
CA SER B 112 18.25 -5.63 5.31
C SER B 112 18.79 -6.70 6.26
N LYS B 113 18.97 -6.32 7.52
CA LYS B 113 19.46 -7.24 8.53
C LYS B 113 18.52 -8.44 8.61
N ALA B 114 17.23 -8.14 8.66
CA ALA B 114 16.22 -9.20 8.74
C ALA B 114 16.37 -10.19 7.59
N GLU B 115 16.45 -9.68 6.36
CA GLU B 115 16.57 -10.55 5.19
C GLU B 115 17.90 -11.30 5.14
N LEU B 116 18.98 -10.63 5.50
CA LEU B 116 20.29 -11.27 5.47
C LEU B 116 20.27 -12.48 6.39
N LEU B 117 19.77 -12.31 7.62
CA LEU B 117 19.71 -13.42 8.55
C LEU B 117 18.94 -14.57 7.92
N LEU B 118 17.74 -14.28 7.41
CA LEU B 118 16.93 -15.31 6.77
C LEU B 118 17.78 -16.03 5.73
N ALA B 119 18.33 -15.26 4.80
CA ALA B 119 19.17 -15.81 3.75
C ALA B 119 20.24 -16.72 4.32
N ALA B 121 20.23 -18.47 6.75
CA ALA B 121 19.71 -19.71 7.29
C ALA B 121 19.21 -20.67 6.21
N TYR B 122 18.43 -20.16 5.25
CA TYR B 122 17.88 -21.00 4.19
C TYR B 122 18.67 -21.13 2.89
N ASN B 123 19.52 -20.15 2.58
CA ASN B 123 20.32 -20.22 1.36
C ASN B 123 21.21 -21.45 1.41
N ASN B 124 21.21 -22.23 0.32
CA ASN B 124 22.02 -23.44 0.23
C ASN B 124 23.51 -23.09 0.31
N GLU B 125 24.26 -23.82 1.12
CA GLU B 125 25.69 -23.56 1.24
C GLU B 125 26.34 -23.68 -0.13
N GLY B 126 27.09 -22.66 -0.53
CA GLY B 126 27.74 -22.73 -1.81
C GLY B 126 27.10 -21.77 -2.81
N ALA B 127 25.79 -21.57 -2.68
CA ALA B 127 25.07 -20.66 -3.55
C ALA B 127 25.44 -19.25 -3.12
N PRO B 128 25.43 -18.29 -4.06
CA PRO B 128 25.78 -16.92 -3.74
C PRO B 128 24.68 -16.16 -2.98
N ILE B 129 25.11 -15.23 -2.15
CA ILE B 129 24.20 -14.41 -1.39
C ILE B 129 24.68 -13.00 -1.62
N THR B 130 23.88 -12.18 -2.30
CA THR B 130 24.28 -10.81 -2.53
C THR B 130 23.55 -9.96 -1.49
N VAL B 131 24.14 -8.84 -1.13
CA VAL B 131 23.55 -7.96 -0.13
C VAL B 131 23.55 -6.49 -0.59
N ASN B 132 22.37 -5.95 -0.87
CA ASN B 132 22.26 -4.57 -1.31
C ASN B 132 21.67 -3.72 -0.20
N GLY B 133 21.60 -2.40 -0.42
CA GLY B 133 21.04 -1.53 0.60
C GLY B 133 22.11 -0.83 1.42
N PHE B 134 21.69 0.09 2.28
CA PHE B 134 22.62 0.83 3.12
C PHE B 134 23.00 -0.04 4.30
N LYS B 135 24.26 0.01 4.68
CA LYS B 135 24.72 -0.85 5.77
C LYS B 135 25.40 -0.12 6.90
N ASP B 136 25.25 -0.63 8.11
CA ASP B 136 25.92 -0.02 9.24
C ASP B 136 26.95 -1.03 9.67
N ARG B 137 27.69 -0.72 10.72
CA ARG B 137 28.73 -1.63 11.18
C ARG B 137 28.12 -2.99 11.47
N GLU B 138 26.94 -3.00 12.08
CA GLU B 138 26.30 -4.27 12.41
C GLU B 138 26.03 -5.14 11.18
N LEU B 139 25.37 -4.58 10.18
CA LEU B 139 25.07 -5.36 8.97
C LEU B 139 26.34 -5.90 8.29
N ILE B 140 27.39 -5.09 8.24
CA ILE B 140 28.64 -5.52 7.64
C ILE B 140 29.22 -6.68 8.43
N ASN B 141 29.21 -6.55 9.75
CA ASN B 141 29.73 -7.60 10.61
C ASN B 141 29.02 -8.91 10.40
N ILE B 142 27.69 -8.88 10.44
CA ILE B 142 26.96 -10.12 10.23
C ILE B 142 27.26 -10.68 8.84
N GLY B 143 27.54 -9.80 7.88
CA GLY B 143 27.86 -10.27 6.52
C GLY B 143 29.13 -11.08 6.60
N PHE B 144 30.06 -10.55 7.40
CA PHE B 144 31.36 -11.18 7.64
C PHE B 144 31.15 -12.51 8.31
N ILE B 145 30.32 -12.57 9.34
CA ILE B 145 30.17 -13.86 9.99
C ILE B 145 29.54 -14.85 9.01
N ALA B 146 28.78 -14.35 8.05
CA ALA B 146 28.16 -15.23 7.05
C ALA B 146 29.27 -15.84 6.20
N ALA B 147 30.36 -15.10 6.05
CA ALA B 147 31.51 -15.56 5.28
C ALA B 147 32.23 -16.64 6.07
N GLU B 148 32.46 -16.35 7.36
CA GLU B 148 33.16 -17.25 8.28
C GLU B 148 32.36 -18.53 8.46
N GLY B 150 30.98 -20.01 6.19
CA GLY B 150 31.20 -20.81 5.00
C GLY B 150 30.33 -20.44 3.80
N HIS B 151 29.62 -19.32 3.89
CA HIS B 151 28.73 -18.89 2.81
C HIS B 151 29.42 -18.10 1.72
N ASN B 152 28.83 -18.14 0.53
CA ASN B 152 29.40 -17.39 -0.57
C ASN B 152 28.70 -16.03 -0.61
N ILE B 153 29.04 -15.16 0.33
CA ILE B 153 28.40 -13.85 0.40
C ILE B 153 29.20 -12.73 -0.24
N THR B 154 28.48 -11.78 -0.84
CA THR B 154 29.08 -10.61 -1.50
C THR B 154 28.38 -9.37 -0.99
N LEU B 155 29.14 -8.44 -0.41
CA LEU B 155 28.57 -7.18 0.08
C LEU B 155 28.69 -6.14 -1.01
N THR B 156 27.57 -5.68 -1.53
CA THR B 156 27.60 -4.66 -2.57
C THR B 156 27.59 -3.25 -1.96
N ILE B 157 28.68 -2.50 -2.15
CA ILE B 157 28.82 -1.13 -1.63
C ILE B 157 27.95 -0.13 -2.38
N GLU B 158 27.27 0.73 -1.64
CA GLU B 158 26.40 1.75 -2.23
C GLU B 158 27.14 3.09 -2.24
N GLY B 159 28.13 3.22 -1.37
CA GLY B 159 28.91 4.45 -1.28
C GLY B 159 30.29 4.21 -0.67
N LEU B 160 31.25 5.06 -1.02
CA LEU B 160 32.62 4.94 -0.51
C LEU B 160 32.66 4.71 0.99
N ASN B 161 31.80 5.42 1.70
CA ASN B 161 31.71 5.29 3.14
C ASN B 161 31.58 3.84 3.58
N GLU B 162 30.65 3.11 2.98
CA GLU B 162 30.45 1.71 3.32
C GLU B 162 31.71 0.90 3.07
N LEU B 163 32.44 1.28 2.03
CA LEU B 163 33.67 0.57 1.67
C LEU B 163 34.66 0.71 2.80
N GLU B 164 34.82 1.93 3.27
CA GLU B 164 35.74 2.21 4.37
C GLU B 164 35.36 1.35 5.57
N ALA B 165 34.07 1.35 5.90
CA ALA B 165 33.58 0.56 7.02
C ALA B 165 34.04 -0.89 6.89
N ILE B 166 33.86 -1.47 5.71
CA ILE B 166 34.27 -2.85 5.49
C ILE B 166 35.76 -3.00 5.72
N ILE B 167 36.55 -2.14 5.06
CA ILE B 167 38.00 -2.16 5.19
C ILE B 167 38.40 -2.20 6.66
N ASP B 168 37.78 -1.34 7.46
CA ASP B 168 38.06 -1.28 8.89
C ASP B 168 37.75 -2.56 9.59
N ILE B 169 36.47 -2.95 9.61
CA ILE B 169 36.12 -4.17 10.32
C ILE B 169 36.75 -5.39 9.68
N ALA B 170 37.38 -5.20 8.52
CA ALA B 170 38.01 -6.31 7.83
C ALA B 170 39.21 -6.79 8.63
N LYS B 171 40.02 -5.81 9.04
CA LYS B 171 41.23 -6.05 9.82
C LYS B 171 40.91 -6.19 11.30
N GLU B 172 39.62 -6.38 11.60
CA GLU B 172 39.16 -6.55 12.96
C GLU B 172 38.61 -7.95 13.13
N ARG B 173 38.03 -8.50 12.08
CA ARG B 173 37.47 -9.85 12.14
C ARG B 173 38.54 -10.91 11.95
N PHE B 174 38.19 -11.99 11.27
CA PHE B 174 39.14 -13.06 11.06
C PHE B 174 39.57 -13.19 9.61
N LYS B 175 40.18 -14.34 9.29
CA LYS B 175 40.66 -14.58 7.95
C LYS B 175 39.55 -14.53 6.91
N PRO B 176 38.48 -15.32 7.10
CA PRO B 176 37.37 -15.32 6.14
C PRO B 176 36.71 -13.95 5.97
N LYS B 177 36.77 -13.41 4.76
CA LYS B 177 36.17 -12.11 4.48
C LYS B 177 35.22 -12.22 3.30
N PRO B 178 34.12 -11.44 3.34
CA PRO B 178 33.14 -11.48 2.25
C PRO B 178 33.67 -10.86 0.97
N ASN B 179 32.99 -11.16 -0.13
CA ASN B 179 33.36 -10.61 -1.41
C ASN B 179 32.78 -9.24 -1.49
N ILE B 180 33.51 -8.33 -2.12
CA ILE B 180 33.04 -6.97 -2.25
C ILE B 180 32.44 -6.69 -3.62
N GLY B 181 31.28 -6.04 -3.65
CA GLY B 181 30.65 -5.73 -4.92
C GLY B 181 30.49 -4.22 -5.03
N LEU B 182 30.60 -3.66 -6.22
CA LEU B 182 30.44 -2.20 -6.36
C LEU B 182 29.21 -1.88 -7.23
N ARG B 183 28.28 -1.12 -6.67
CA ARG B 183 27.08 -0.74 -7.42
C ARG B 183 27.42 0.46 -8.27
N VAL B 184 27.36 0.30 -9.58
CA VAL B 184 27.70 1.41 -10.45
C VAL B 184 26.52 2.34 -10.73
N ARG B 185 26.80 3.64 -10.78
CA ARG B 185 25.80 4.65 -11.07
C ARG B 185 25.73 4.71 -12.59
N LEU B 186 24.59 4.37 -13.19
CA LEU B 186 24.46 4.41 -14.66
C LEU B 186 23.98 5.78 -15.16
N HIS B 187 24.59 6.27 -16.22
CA HIS B 187 24.18 7.55 -16.78
C HIS B 187 23.12 7.36 -17.84
N SER B 188 22.65 6.12 -18.00
CA SER B 188 21.62 5.80 -19.00
C SER B 188 20.21 6.00 -18.46
N LYS B 203 18.97 6.43 -8.61
CA LYS B 203 19.97 7.50 -8.56
C LYS B 203 21.06 7.24 -7.51
N PHE B 204 21.26 5.96 -7.18
CA PHE B 204 22.26 5.54 -6.20
C PHE B 204 23.38 4.78 -6.90
N GLY B 205 24.52 4.62 -6.23
CA GLY B 205 25.63 3.93 -6.84
C GLY B 205 26.86 4.81 -6.82
N LEU B 206 28.00 4.28 -7.26
CA LEU B 206 29.23 5.05 -7.27
C LEU B 206 29.45 5.71 -8.61
N THR B 207 29.88 6.97 -8.58
CA THR B 207 30.15 7.70 -9.81
C THR B 207 31.44 7.17 -10.41
N SER B 208 31.75 7.59 -11.63
CA SER B 208 32.97 7.11 -12.29
C SER B 208 34.20 7.50 -11.48
N THR B 209 34.22 8.72 -10.99
CA THR B 209 35.35 9.17 -10.20
C THR B 209 35.37 8.42 -8.87
N GLU B 210 34.21 8.17 -8.27
CA GLU B 210 34.15 7.43 -7.00
C GLU B 210 34.59 5.99 -7.19
N LEU B 211 34.24 5.39 -8.33
CA LEU B 211 34.63 4.01 -8.61
C LEU B 211 36.14 3.90 -8.64
N ILE B 212 36.81 4.89 -9.20
CA ILE B 212 38.26 4.83 -9.25
C ILE B 212 38.78 4.88 -7.80
N GLU B 213 38.34 5.84 -7.01
CA GLU B 213 38.78 5.94 -5.63
C GLU B 213 38.55 4.60 -4.95
N ALA B 214 37.36 4.03 -5.20
CA ALA B 214 37.00 2.75 -4.60
C ALA B 214 38.08 1.71 -4.90
N VAL B 215 38.54 1.66 -6.15
CA VAL B 215 39.57 0.70 -6.53
C VAL B 215 40.89 1.01 -5.85
N ASN B 216 41.24 2.28 -5.75
CA ASN B 216 42.48 2.62 -5.09
C ASN B 216 42.41 2.19 -3.63
N LEU B 217 41.35 2.54 -2.93
CA LEU B 217 41.21 2.14 -1.53
C LEU B 217 41.41 0.64 -1.37
N LEU B 218 40.71 -0.15 -2.16
CA LEU B 218 40.86 -1.60 -2.06
C LEU B 218 42.29 -1.98 -2.34
N LYS B 219 42.92 -1.26 -3.25
CA LYS B 219 44.31 -1.55 -3.60
C LYS B 219 45.24 -1.22 -2.45
N GLU B 220 45.06 -0.03 -1.85
CA GLU B 220 45.89 0.39 -0.73
C GLU B 220 45.80 -0.57 0.42
N ASN B 221 44.61 -1.08 0.70
CA ASN B 221 44.44 -2.02 1.79
C ASN B 221 44.52 -3.45 1.32
N LYS B 222 45.24 -3.67 0.23
CA LYS B 222 45.41 -4.99 -0.35
C LYS B 222 44.13 -5.79 -0.18
N LEU B 223 43.10 -5.43 -0.93
CA LEU B 223 41.81 -6.11 -0.84
C LEU B 223 41.20 -6.34 -2.23
N LEU B 224 41.93 -6.00 -3.29
CA LEU B 224 41.41 -6.17 -4.63
C LEU B 224 40.90 -7.58 -4.83
N GLU B 225 41.45 -8.51 -4.06
CA GLU B 225 41.04 -9.90 -4.15
C GLU B 225 39.54 -10.05 -3.91
N GLN B 226 38.97 -9.16 -3.12
CA GLN B 226 37.55 -9.24 -2.81
C GLN B 226 36.66 -8.67 -3.88
N PHE B 227 37.08 -7.59 -4.51
CA PHE B 227 36.29 -6.97 -5.57
C PHE B 227 36.06 -8.00 -6.68
N THR B 228 34.89 -8.63 -6.68
CA THR B 228 34.61 -9.63 -7.71
C THR B 228 33.47 -9.33 -8.68
N ILE B 230 30.43 -6.12 -10.22
CA ILE B 230 29.80 -4.81 -10.24
C ILE B 230 28.31 -5.10 -10.41
N HIS B 231 27.47 -4.23 -9.86
CA HIS B 231 26.04 -4.42 -9.92
C HIS B 231 25.32 -3.10 -10.21
N PHE B 232 24.20 -3.20 -10.92
CA PHE B 232 23.38 -2.02 -11.23
C PHE B 232 21.91 -2.48 -11.21
N HIS B 233 21.00 -1.59 -10.82
CA HIS B 233 19.57 -1.93 -10.81
C HIS B 233 18.79 -0.87 -11.55
N LEU B 234 18.03 -1.27 -12.56
CA LEU B 234 17.23 -0.32 -13.33
C LEU B 234 15.82 -0.18 -12.76
N GLY B 235 15.40 -1.15 -11.95
CA GLY B 235 14.08 -1.09 -11.38
C GLY B 235 13.27 -2.33 -11.70
N SER B 236 12.04 -2.40 -11.20
CA SER B 236 11.22 -3.56 -11.45
C SER B 236 10.33 -3.42 -12.68
N GLN B 237 9.87 -4.54 -13.20
CA GLN B 237 8.98 -4.55 -14.36
C GLN B 237 9.34 -3.55 -15.46
N ILE B 238 10.48 -3.79 -16.12
CA ILE B 238 10.93 -2.95 -17.21
C ILE B 238 10.24 -3.41 -18.49
N THR B 239 9.24 -2.68 -18.94
CA THR B 239 8.50 -3.05 -20.13
C THR B 239 9.26 -2.96 -21.46
N GLU B 240 10.22 -2.05 -21.54
CA GLU B 240 11.01 -1.86 -22.76
C GLU B 240 12.37 -2.55 -22.67
N ILE B 241 12.81 -3.15 -23.77
CA ILE B 241 14.09 -3.85 -23.79
C ILE B 241 15.27 -2.92 -24.06
N HIS B 242 15.00 -1.76 -24.64
CA HIS B 242 16.06 -0.81 -24.95
C HIS B 242 16.81 -0.32 -23.73
N PRO B 243 16.10 0.17 -22.72
CA PRO B 243 16.79 0.65 -21.53
C PRO B 243 17.76 -0.40 -20.96
N LEU B 244 17.40 -1.68 -21.04
CA LEU B 244 18.26 -2.72 -20.53
C LEU B 244 19.54 -2.79 -21.35
N LYS B 245 19.42 -2.70 -22.67
CA LYS B 245 20.57 -2.76 -23.56
C LYS B 245 21.46 -1.54 -23.42
N LYS B 246 20.85 -0.39 -23.18
CA LYS B 246 21.62 0.82 -23.00
C LYS B 246 22.44 0.70 -21.72
N ALA B 247 21.81 0.13 -20.70
CA ALA B 247 22.43 -0.07 -19.40
C ALA B 247 23.55 -1.09 -19.44
N LEU B 248 23.24 -2.27 -19.95
CA LEU B 248 24.20 -3.33 -20.04
C LEU B 248 25.46 -2.86 -20.75
N ASN B 249 25.28 -2.13 -21.84
CA ASN B 249 26.41 -1.62 -22.61
C ASN B 249 27.33 -0.72 -21.78
N GLU B 250 26.73 0.28 -21.13
CA GLU B 250 27.50 1.20 -20.30
C GLU B 250 28.21 0.42 -19.19
N ALA B 251 27.48 -0.44 -18.50
CA ALA B 251 28.05 -1.24 -17.42
C ALA B 251 29.17 -2.14 -17.94
N GLY B 252 28.96 -2.74 -19.10
CA GLY B 252 29.97 -3.61 -19.70
C GLY B 252 31.30 -2.92 -19.88
N ASN B 253 31.28 -1.66 -20.28
CA ASN B 253 32.51 -0.92 -20.46
C ASN B 253 33.13 -0.55 -19.12
N ILE B 254 32.29 -0.25 -18.13
CA ILE B 254 32.81 0.09 -16.80
C ILE B 254 33.54 -1.14 -16.30
N TYR B 255 32.94 -2.31 -16.52
CA TYR B 255 33.54 -3.57 -16.11
C TYR B 255 34.93 -3.72 -16.69
N THR B 256 35.06 -3.64 -18.02
CA THR B 256 36.37 -3.79 -18.66
C THR B 256 37.36 -2.74 -18.14
N GLU B 257 36.94 -1.48 -18.12
CA GLU B 257 37.81 -0.40 -17.66
C GLU B 257 38.34 -0.65 -16.24
N LEU B 258 37.49 -1.22 -15.40
CA LEU B 258 37.86 -1.51 -14.03
C LEU B 258 38.86 -2.64 -13.99
N ARG B 259 38.73 -3.61 -14.87
CA ARG B 259 39.69 -4.71 -14.88
C ARG B 259 41.05 -4.21 -15.33
N LYS B 260 41.06 -3.36 -16.34
CA LYS B 260 42.29 -2.81 -16.89
C LYS B 260 42.98 -1.97 -15.82
N GLY B 262 43.36 -2.87 -12.79
CA GLY B 262 43.96 -3.74 -11.79
C GLY B 262 43.00 -4.68 -11.09
N ALA B 263 41.71 -4.42 -11.23
CA ALA B 263 40.68 -5.24 -10.59
C ALA B 263 40.61 -6.61 -11.27
N LYS B 264 41.68 -7.39 -11.16
CA LYS B 264 41.72 -8.68 -11.81
C LYS B 264 40.69 -9.70 -11.34
N ASN B 265 40.27 -9.57 -10.09
CA ASN B 265 39.28 -10.50 -9.56
C ASN B 265 37.87 -10.17 -10.00
N LEU B 266 37.69 -8.99 -10.57
CA LEU B 266 36.39 -8.58 -11.05
C LEU B 266 36.05 -9.44 -12.26
N LYS B 267 35.16 -10.40 -12.06
CA LYS B 267 34.78 -11.32 -13.12
C LYS B 267 33.28 -11.54 -13.28
N ALA B 268 32.48 -10.63 -12.74
CA ALA B 268 31.05 -10.78 -12.88
C ALA B 268 30.31 -9.46 -12.92
N ILE B 269 29.17 -9.48 -13.60
CA ILE B 269 28.33 -8.30 -13.70
C ILE B 269 26.92 -8.71 -13.25
N ASN B 270 26.37 -7.96 -12.31
CA ASN B 270 25.04 -8.23 -11.78
C ASN B 270 24.08 -7.24 -12.42
N LEU B 271 23.21 -7.73 -13.30
CA LEU B 271 22.22 -6.88 -13.99
C LEU B 271 21.08 -6.46 -13.10
N GLY B 272 20.94 -7.13 -11.96
CA GLY B 272 19.86 -6.80 -11.06
C GLY B 272 18.54 -7.34 -11.55
N GLY B 273 17.45 -6.69 -11.16
CA GLY B 273 16.14 -7.13 -11.59
C GLY B 273 15.68 -6.40 -12.82
N GLY B 274 14.39 -6.45 -13.10
CA GLY B 274 13.87 -5.74 -14.27
C GLY B 274 13.17 -6.61 -15.30
N LEU B 275 13.53 -7.88 -15.35
CA LEU B 275 12.91 -8.82 -16.28
C LEU B 275 11.42 -8.65 -16.03
N ALA B 276 10.68 -8.21 -17.05
CA ALA B 276 9.25 -7.99 -16.90
C ALA B 276 8.42 -9.28 -16.95
N VAL B 277 7.21 -9.19 -16.41
CA VAL B 277 6.29 -10.33 -16.40
C VAL B 277 5.07 -9.98 -17.26
N GLU B 278 4.53 -10.95 -17.99
CA GLU B 278 3.37 -10.67 -18.82
C GLU B 278 2.08 -10.76 -17.98
N TYR B 279 1.45 -9.61 -17.74
CA TYR B 279 0.22 -9.54 -16.94
C TYR B 279 -1.03 -9.33 -17.79
N SER B 280 -0.82 -8.86 -19.01
CA SER B 280 -1.90 -8.60 -19.92
C SER B 280 -2.71 -9.85 -20.27
N GLN B 281 -4.03 -9.72 -20.22
CA GLN B 281 -4.94 -10.84 -20.56
C GLN B 281 -5.89 -10.41 -21.68
N PHE B 282 -5.52 -9.31 -22.35
CA PHE B 282 -6.30 -8.76 -23.45
C PHE B 282 -5.45 -8.65 -24.70
N LYS B 283 -6.00 -9.18 -25.81
CA LYS B 283 -5.33 -9.17 -27.09
C LYS B 283 -4.85 -7.77 -27.47
N ASN B 284 -3.63 -7.69 -27.96
CA ASN B 284 -3.04 -6.42 -28.36
C ASN B 284 -2.89 -5.46 -27.19
N GLU B 285 -2.16 -5.89 -26.18
CA GLU B 285 -1.91 -5.06 -25.00
C GLU B 285 -0.80 -5.61 -24.13
N LYS B 286 0.17 -6.28 -24.76
CA LYS B 286 1.32 -6.87 -24.07
C LYS B 286 1.92 -5.98 -22.97
N SER B 287 2.33 -6.58 -21.86
CA SER B 287 2.93 -5.82 -20.77
C SER B 287 4.36 -5.43 -21.12
N ARG B 288 5.10 -6.37 -21.67
CA ARG B 288 6.47 -6.11 -22.06
C ARG B 288 6.58 -6.33 -23.55
N ASN B 289 7.44 -5.56 -24.21
CA ASN B 289 7.60 -5.69 -25.65
C ASN B 289 8.73 -6.62 -26.02
N TYR B 290 9.14 -7.46 -25.12
CA TYR B 290 10.29 -8.35 -25.49
C TYR B 290 10.15 -9.78 -24.93
N THR B 291 10.91 -10.78 -25.38
CA THR B 291 10.76 -12.15 -24.81
C THR B 291 11.93 -12.49 -23.87
N LEU B 292 11.78 -13.55 -23.09
CA LEU B 292 12.85 -13.93 -22.17
C LEU B 292 14.12 -14.22 -22.97
N ARG B 293 13.96 -15.00 -24.04
CA ARG B 293 15.08 -15.37 -24.91
C ARG B 293 15.75 -14.13 -25.47
N GLU B 294 14.95 -13.14 -25.86
CA GLU B 294 15.47 -11.89 -26.40
C GLU B 294 16.32 -11.21 -25.34
N TYR B 295 15.80 -11.16 -24.12
CA TYR B 295 16.51 -10.57 -23.01
C TYR B 295 17.84 -11.31 -22.83
N ALA B 296 17.79 -12.63 -22.81
CA ALA B 296 19.00 -13.42 -22.64
C ALA B 296 19.96 -13.21 -23.82
N ASN B 297 19.49 -13.39 -25.05
CA ASN B 297 20.36 -13.21 -26.20
C ASN B 297 21.02 -11.84 -26.15
N ASP B 298 20.22 -10.81 -25.88
CA ASP B 298 20.77 -9.45 -25.81
C ASP B 298 21.88 -9.35 -24.77
N VAL B 299 21.66 -9.91 -23.58
CA VAL B 299 22.67 -9.84 -22.54
C VAL B 299 23.96 -10.51 -22.98
N VAL B 300 23.85 -11.76 -23.42
CA VAL B 300 25.02 -12.49 -23.86
C VAL B 300 25.75 -11.83 -25.02
N PHE B 301 24.98 -11.28 -25.96
CA PHE B 301 25.58 -10.64 -27.11
C PHE B 301 26.32 -9.36 -26.74
N ILE B 302 25.61 -8.42 -26.12
CA ILE B 302 26.22 -7.16 -25.73
C ILE B 302 27.52 -7.37 -24.98
N LEU B 303 27.52 -8.29 -24.03
CA LEU B 303 28.71 -8.55 -23.25
C LEU B 303 29.82 -9.16 -24.10
N LYS B 304 29.49 -10.17 -24.89
CA LYS B 304 30.48 -10.80 -25.75
C LYS B 304 31.18 -9.74 -26.58
N ASN B 305 30.39 -8.94 -27.27
CA ASN B 305 30.93 -7.87 -28.08
C ASN B 305 31.91 -6.98 -27.33
N ILE B 306 31.52 -6.50 -26.15
CA ILE B 306 32.39 -5.64 -25.38
C ILE B 306 33.64 -6.40 -24.97
N ALA B 307 33.48 -7.63 -24.52
CA ALA B 307 34.62 -8.42 -24.10
C ALA B 307 35.60 -8.57 -25.26
N GLU B 308 35.08 -8.76 -26.46
CA GLU B 308 35.93 -8.90 -27.63
C GLU B 308 36.60 -7.57 -27.97
N GLN B 309 35.82 -6.51 -28.11
CA GLN B 309 36.37 -5.21 -28.42
C GLN B 309 37.54 -4.85 -27.51
N LYS B 310 37.30 -4.88 -26.21
CA LYS B 310 38.34 -4.55 -25.26
C LYS B 310 39.24 -5.75 -25.07
N LYS B 311 39.01 -6.79 -25.87
CA LYS B 311 39.76 -8.04 -25.81
C LYS B 311 40.09 -8.44 -24.38
N ASP B 312 39.05 -8.42 -23.56
CA ASP B 312 39.14 -8.77 -22.15
C ASP B 312 38.36 -10.05 -21.92
N LEU B 313 38.22 -10.42 -20.65
CA LEU B 313 37.51 -11.63 -20.26
C LEU B 313 35.99 -11.50 -20.22
N GLU B 314 35.30 -12.40 -20.93
CA GLU B 314 33.83 -12.38 -20.92
C GLU B 314 33.41 -12.58 -19.46
N PRO B 315 32.69 -11.59 -18.88
CA PRO B 315 32.21 -11.64 -17.49
C PRO B 315 31.16 -12.70 -17.16
N ASP B 316 30.97 -12.96 -15.87
CA ASP B 316 29.97 -13.92 -15.45
C ASP B 316 28.67 -13.17 -15.32
N ILE B 317 27.61 -13.73 -15.86
CA ILE B 317 26.33 -13.07 -15.81
C ILE B 317 25.56 -13.37 -14.53
N PHE B 318 25.10 -12.32 -13.86
CA PHE B 318 24.31 -12.46 -12.63
C PHE B 318 23.03 -11.63 -12.74
N ILE B 319 21.87 -12.29 -12.64
CA ILE B 319 20.61 -11.56 -12.69
C ILE B 319 19.86 -11.74 -11.37
N GLU B 320 19.13 -10.72 -10.95
CA GLU B 320 18.36 -10.79 -9.70
C GLU B 320 16.88 -10.56 -9.99
N SER B 321 16.36 -11.31 -10.97
CA SER B 321 14.96 -11.22 -11.37
C SER B 321 14.11 -11.98 -10.38
N GLY B 322 13.38 -11.26 -9.55
CA GLY B 322 12.53 -11.90 -8.58
C GLY B 322 11.10 -11.99 -9.07
N ARG B 323 10.57 -10.87 -9.54
CA ARG B 323 9.20 -10.84 -10.01
C ARG B 323 8.92 -11.99 -10.99
N PHE B 324 9.82 -12.17 -11.95
CA PHE B 324 9.66 -13.21 -12.96
C PHE B 324 9.48 -14.61 -12.39
N VAL B 325 10.34 -14.98 -11.46
CA VAL B 325 10.30 -16.31 -10.86
C VAL B 325 9.21 -16.50 -9.80
N ALA B 326 8.77 -15.41 -9.19
CA ALA B 326 7.76 -15.53 -8.16
C ALA B 326 6.30 -15.22 -8.54
N ALA B 327 6.11 -14.44 -9.59
CA ALA B 327 4.78 -14.05 -10.00
C ALA B 327 3.67 -15.12 -10.12
N ASN B 328 3.80 -16.08 -11.03
CA ASN B 328 2.77 -17.10 -11.24
C ASN B 328 2.61 -18.21 -10.22
N HIS B 329 3.52 -18.33 -9.27
CA HIS B 329 3.42 -19.43 -8.32
C HIS B 329 2.17 -19.40 -7.44
N ALA B 330 1.60 -18.21 -7.25
CA ALA B 330 0.43 -18.05 -6.39
C ALA B 330 -0.85 -17.57 -7.06
N VAL B 331 -1.95 -18.22 -6.68
CA VAL B 331 -3.26 -17.85 -7.22
C VAL B 331 -4.16 -17.50 -6.06
N LEU B 332 -4.86 -16.37 -6.17
CA LEU B 332 -5.77 -15.94 -5.12
C LEU B 332 -7.19 -16.25 -5.53
N ILE B 333 -7.78 -17.28 -4.93
CA ILE B 333 -9.16 -17.68 -5.23
C ILE B 333 -10.11 -17.05 -4.22
N ALA B 334 -11.21 -16.48 -4.72
CA ALA B 334 -12.20 -15.86 -3.85
C ALA B 334 -13.60 -16.12 -4.39
N PRO B 335 -14.50 -16.67 -3.55
CA PRO B 335 -15.87 -16.97 -3.97
C PRO B 335 -16.74 -15.71 -4.10
N VAL B 336 -17.66 -15.71 -5.06
CA VAL B 336 -18.52 -14.56 -5.26
C VAL B 336 -19.63 -14.57 -4.22
N LEU B 337 -19.62 -13.59 -3.32
CA LEU B 337 -20.65 -13.51 -2.27
C LEU B 337 -21.99 -13.07 -2.80
N GLU B 338 -22.09 -11.87 -3.35
CA GLU B 338 -23.36 -11.41 -3.90
C GLU B 338 -23.24 -10.98 -5.34
N LEU B 339 -24.39 -10.77 -5.98
CA LEU B 339 -24.43 -10.35 -7.38
C LEU B 339 -25.27 -9.09 -7.55
N PHE B 340 -24.70 -7.94 -7.26
CA PHE B 340 -25.42 -6.68 -7.40
C PHE B 340 -25.56 -6.30 -8.87
N SER B 341 -26.79 -6.36 -9.39
CA SER B 341 -27.03 -6.01 -10.78
C SER B 341 -27.91 -4.77 -10.90
N GLN B 342 -28.27 -4.45 -12.13
CA GLN B 342 -29.10 -3.30 -12.45
C GLN B 342 -30.59 -3.71 -12.55
N GLU B 343 -31.28 -3.65 -11.41
CA GLU B 343 -32.71 -4.01 -11.33
C GLU B 343 -33.59 -2.83 -11.77
N TYR B 344 -34.21 -2.96 -12.95
CA TYR B 344 -35.07 -1.91 -13.48
C TYR B 344 -36.17 -2.47 -14.36
N ALA B 345 -37.19 -3.01 -13.71
CA ALA B 345 -38.34 -3.59 -14.39
C ALA B 345 -39.41 -2.53 -14.56
N GLU B 346 -40.13 -2.62 -15.66
CA GLU B 346 -41.17 -1.67 -15.96
C GLU B 346 -42.23 -1.57 -14.85
N ASN B 347 -42.46 -2.65 -14.12
CA ASN B 347 -43.47 -2.67 -13.05
C ASN B 347 -43.11 -1.81 -11.87
N LYS B 348 -41.80 -1.55 -11.73
CA LYS B 348 -41.27 -0.73 -10.66
C LYS B 348 -41.75 0.72 -10.75
N LEU B 349 -42.44 1.04 -11.84
CA LEU B 349 -42.94 2.38 -12.05
C LEU B 349 -44.12 2.74 -11.16
N ILE B 350 -43.91 3.73 -10.30
CA ILE B 350 -44.95 4.20 -9.40
C ILE B 350 -45.95 5.00 -10.24
N LEU B 351 -46.94 4.31 -10.79
CA LEU B 351 -47.97 4.94 -11.62
C LEU B 351 -48.58 6.14 -10.89
N LYS B 352 -48.05 7.32 -11.16
CA LYS B 352 -48.52 8.55 -10.53
C LYS B 352 -49.80 8.97 -11.23
N LYS B 353 -50.56 9.84 -10.59
CA LYS B 353 -51.82 10.35 -11.14
C LYS B 353 -51.57 11.65 -11.91
N GLN B 354 -50.82 12.54 -11.25
CA GLN B 354 -50.45 13.84 -11.80
C GLN B 354 -48.93 13.83 -11.92
N ASN B 355 -48.44 13.26 -13.02
CA ASN B 355 -47.01 13.16 -13.26
C ASN B 355 -46.42 14.46 -13.80
N PRO B 356 -45.20 14.81 -13.35
CA PRO B 356 -44.51 16.04 -13.79
C PRO B 356 -44.11 15.93 -15.26
N LYS B 357 -44.40 16.99 -16.00
CA LYS B 357 -44.14 17.04 -17.44
C LYS B 357 -42.90 16.30 -17.89
N LEU B 358 -41.80 16.55 -17.20
CA LEU B 358 -40.54 15.90 -17.53
C LEU B 358 -40.66 14.39 -17.64
N ILE B 359 -41.13 13.72 -16.60
CA ILE B 359 -41.20 12.26 -16.71
C ILE B 359 -42.25 11.86 -17.75
N ASP B 360 -43.23 12.75 -17.97
CA ASP B 360 -44.24 12.46 -19.00
C ASP B 360 -43.55 12.28 -20.34
N GLU B 361 -42.63 13.18 -20.64
CA GLU B 361 -41.87 13.12 -21.88
C GLU B 361 -41.07 11.82 -21.87
N LEU B 362 -40.50 11.48 -20.72
CA LEU B 362 -39.75 10.24 -20.65
C LEU B 362 -40.63 9.08 -21.09
N TYR B 363 -41.92 9.13 -20.76
CA TYR B 363 -42.85 8.06 -21.17
C TYR B 363 -42.92 8.00 -22.68
N ASP B 364 -43.35 9.12 -23.26
CA ASP B 364 -43.50 9.27 -24.70
C ASP B 364 -42.28 8.75 -25.44
N LEU B 365 -41.10 8.96 -24.87
CA LEU B 365 -39.88 8.50 -25.48
C LEU B 365 -39.79 6.99 -25.46
N TYR B 366 -40.08 6.41 -24.29
CA TYR B 366 -40.03 4.96 -24.13
C TYR B 366 -40.99 4.27 -25.10
N LYS B 367 -42.08 4.93 -25.43
CA LYS B 367 -43.05 4.36 -26.35
C LYS B 367 -42.64 4.58 -27.80
N SER B 368 -42.60 5.85 -28.20
CA SER B 368 -42.25 6.25 -29.56
C SER B 368 -40.89 5.76 -30.03
N ILE B 369 -40.04 5.37 -29.10
CA ILE B 369 -38.70 4.89 -29.44
C ILE B 369 -38.73 3.89 -30.60
N LYS B 370 -37.87 4.10 -31.60
CA LYS B 370 -37.77 3.21 -32.75
C LYS B 370 -36.35 3.24 -33.27
N PRO B 371 -35.97 2.25 -34.09
CA PRO B 371 -34.62 2.16 -34.66
C PRO B 371 -34.07 3.43 -35.29
N SER B 372 -34.96 4.27 -35.80
CA SER B 372 -34.54 5.53 -36.43
C SER B 372 -34.19 6.61 -35.41
N ASN B 373 -35.13 6.87 -34.50
CA ASN B 373 -34.91 7.88 -33.48
C ASN B 373 -34.24 7.34 -32.22
N ALA B 374 -33.80 6.09 -32.28
CA ALA B 374 -33.15 5.41 -31.17
C ALA B 374 -32.01 6.22 -30.56
N LEU B 375 -30.97 6.45 -31.35
CA LEU B 375 -29.81 7.19 -30.89
C LEU B 375 -30.20 8.58 -30.37
N GLU B 376 -31.18 9.20 -31.02
CA GLU B 376 -31.67 10.54 -30.65
C GLU B 376 -32.34 10.52 -29.29
N TYR B 377 -33.33 9.64 -29.17
CA TYR B 377 -34.09 9.47 -27.94
C TYR B 377 -33.14 9.27 -26.76
N LEU B 378 -32.12 8.44 -26.97
CA LEU B 378 -31.14 8.19 -25.92
C LEU B 378 -30.57 9.51 -25.39
N HIS B 379 -30.24 10.42 -26.30
CA HIS B 379 -29.72 11.72 -25.95
C HIS B 379 -30.73 12.47 -25.09
N ASP B 380 -31.94 12.59 -25.61
CA ASP B 380 -33.01 13.31 -24.93
C ASP B 380 -33.39 12.71 -23.58
N SER B 381 -33.52 11.39 -23.55
CA SER B 381 -33.88 10.70 -22.31
C SER B 381 -32.92 11.09 -21.20
N ILE B 382 -31.62 11.05 -21.49
CA ILE B 382 -30.61 11.38 -20.48
C ILE B 382 -30.80 12.79 -19.94
N ASP B 383 -31.00 13.73 -20.85
CA ASP B 383 -31.19 15.12 -20.47
C ASP B 383 -32.34 15.23 -19.48
N HIS B 384 -33.48 14.63 -19.82
CA HIS B 384 -34.65 14.68 -18.95
C HIS B 384 -34.35 14.22 -17.52
N LEU B 385 -33.63 13.11 -17.40
CA LEU B 385 -33.26 12.58 -16.09
C LEU B 385 -32.43 13.63 -15.36
N GLU B 386 -31.57 14.31 -16.11
CA GLU B 386 -30.71 15.34 -15.54
C GLU B 386 -31.53 16.52 -15.03
N SER B 387 -32.55 16.92 -15.79
CA SER B 387 -33.40 18.02 -15.38
C SER B 387 -34.23 17.62 -14.16
N ILE B 388 -34.70 16.37 -14.13
CA ILE B 388 -35.49 15.93 -12.98
C ILE B 388 -34.64 15.93 -11.73
N LEU B 389 -33.45 15.36 -11.83
CA LEU B 389 -32.54 15.33 -10.69
C LEU B 389 -32.29 16.75 -10.19
N THR B 390 -32.01 17.66 -11.12
CA THR B 390 -31.76 19.04 -10.72
C THR B 390 -32.97 19.59 -9.97
N LEU B 391 -34.16 19.21 -10.41
CA LEU B 391 -35.38 19.66 -9.75
C LEU B 391 -35.55 19.01 -8.39
N PHE B 392 -35.07 17.79 -8.25
CA PHE B 392 -35.17 17.07 -6.99
C PHE B 392 -34.38 17.79 -5.92
N ASP B 393 -33.15 18.19 -6.26
CA ASP B 393 -32.28 18.88 -5.33
C ASP B 393 -32.86 20.25 -4.98
N LEU B 394 -33.82 20.70 -5.77
CA LEU B 394 -34.47 21.96 -5.53
C LEU B 394 -35.79 21.71 -4.81
N GLY B 395 -36.10 20.43 -4.60
CA GLY B 395 -37.32 20.07 -3.91
C GLY B 395 -38.57 20.30 -4.71
N TYR B 396 -38.44 20.26 -6.03
CA TYR B 396 -39.61 20.45 -6.87
C TYR B 396 -40.20 19.14 -7.35
N VAL B 397 -39.61 18.02 -6.94
CA VAL B 397 -40.13 16.73 -7.35
C VAL B 397 -39.96 15.76 -6.18
N ASP B 398 -40.87 14.80 -6.03
CA ASP B 398 -40.78 13.86 -4.94
C ASP B 398 -39.86 12.68 -5.32
N LEU B 399 -39.55 11.84 -4.32
CA LEU B 399 -38.69 10.70 -4.52
C LEU B 399 -39.30 9.67 -5.49
N GLN B 400 -40.62 9.66 -5.60
CA GLN B 400 -41.25 8.71 -6.52
C GLN B 400 -40.90 9.15 -7.93
N ASP B 401 -40.97 10.47 -8.14
CA ASP B 401 -40.66 11.04 -9.45
C ASP B 401 -39.23 10.70 -9.87
N ARG B 402 -38.29 10.97 -8.98
CA ARG B 402 -36.90 10.67 -9.24
C ARG B 402 -36.78 9.21 -9.62
N SER B 403 -37.48 8.35 -8.87
CA SER B 403 -37.47 6.91 -9.12
C SER B 403 -37.97 6.64 -10.52
N ASN B 404 -39.16 7.16 -10.80
CA ASN B 404 -39.74 6.94 -12.12
C ASN B 404 -38.79 7.33 -13.22
N ALA B 405 -38.22 8.53 -13.08
CA ALA B 405 -37.29 9.07 -14.05
C ALA B 405 -36.14 8.11 -14.32
N GLU B 406 -35.47 7.71 -13.25
CA GLU B 406 -34.33 6.79 -13.33
C GLU B 406 -34.70 5.47 -14.01
N ILE B 407 -35.83 4.89 -13.62
CA ILE B 407 -36.29 3.62 -14.19
C ILE B 407 -36.54 3.78 -15.70
N LEU B 408 -37.34 4.79 -16.04
CA LEU B 408 -37.69 5.07 -17.43
C LEU B 408 -36.41 5.27 -18.25
N THR B 409 -35.53 6.13 -17.73
CA THR B 409 -34.29 6.42 -18.40
C THR B 409 -33.55 5.12 -18.69
N HIS B 410 -33.46 4.23 -17.71
CA HIS B 410 -32.80 2.96 -17.92
C HIS B 410 -33.52 2.13 -18.96
N LEU B 411 -34.84 2.04 -18.84
CA LEU B 411 -35.61 1.27 -19.81
C LEU B 411 -35.36 1.82 -21.21
N ILE B 412 -35.40 3.14 -21.35
CA ILE B 412 -35.19 3.80 -22.64
C ILE B 412 -33.80 3.53 -23.17
N THR B 413 -32.82 3.62 -22.29
CA THR B 413 -31.42 3.37 -22.68
C THR B 413 -31.25 1.91 -23.09
N LYS B 414 -31.90 1.02 -22.35
CA LYS B 414 -31.83 -0.40 -22.65
C LYS B 414 -32.40 -0.69 -24.04
N LYS B 415 -33.68 -0.34 -24.23
CA LYS B 415 -34.38 -0.55 -25.50
C LYS B 415 -33.68 0.16 -26.65
N ALA B 416 -32.96 1.21 -26.30
CA ALA B 416 -32.22 1.99 -27.29
C ALA B 416 -31.16 1.09 -27.89
N ILE B 417 -30.20 0.68 -27.07
CA ILE B 417 -29.10 -0.16 -27.52
C ILE B 417 -29.63 -1.40 -28.26
N LEU B 418 -30.75 -1.91 -27.77
CA LEU B 418 -31.40 -3.07 -28.34
C LEU B 418 -31.77 -2.78 -29.79
N LEU B 419 -32.48 -1.67 -30.01
CA LEU B 419 -32.91 -1.27 -31.35
C LEU B 419 -31.76 -0.77 -32.21
N LEU B 420 -30.63 -0.47 -31.57
CA LEU B 420 -29.46 0.02 -32.27
C LEU B 420 -28.70 -1.12 -32.95
N GLY B 421 -28.00 -1.94 -32.15
CA GLY B 421 -27.25 -3.04 -32.71
C GLY B 421 -25.99 -2.58 -33.42
N VAL B 436 -22.52 -1.16 -16.10
CA VAL B 436 -22.12 -2.54 -16.32
C VAL B 436 -23.31 -3.48 -16.10
N GLN B 437 -23.19 -4.69 -16.65
CA GLN B 437 -24.24 -5.69 -16.51
C GLN B 437 -24.49 -5.99 -15.04
N GLU B 438 -23.44 -6.43 -14.34
CA GLU B 438 -23.52 -6.77 -12.92
C GLU B 438 -22.19 -6.54 -12.20
N ARG B 439 -22.29 -6.28 -10.90
CA ARG B 439 -21.12 -6.05 -10.05
C ARG B 439 -21.00 -7.26 -9.13
N TYR B 440 -19.95 -8.06 -9.32
CA TYR B 440 -19.73 -9.26 -8.52
C TYR B 440 -18.94 -8.95 -7.25
N LEU B 441 -19.56 -9.22 -6.11
CA LEU B 441 -18.95 -8.98 -4.81
C LEU B 441 -18.12 -10.22 -4.44
N VAL B 442 -16.80 -10.07 -4.42
CA VAL B 442 -15.91 -11.19 -4.10
C VAL B 442 -15.42 -11.13 -2.67
N ASN B 443 -15.43 -12.29 -2.02
CA ASN B 443 -15.01 -12.40 -0.64
C ASN B 443 -13.51 -12.29 -0.48
N PHE B 444 -12.97 -11.09 -0.58
CA PHE B 444 -11.55 -10.90 -0.40
C PHE B 444 -11.30 -9.42 -0.28
N SER B 445 -10.03 -9.03 -0.17
CA SER B 445 -9.69 -7.62 -0.03
C SER B 445 -8.74 -7.19 -1.15
N LEU B 446 -9.13 -6.13 -1.88
CA LEU B 446 -8.32 -5.60 -2.98
C LEU B 446 -7.17 -4.73 -2.46
N PHE B 447 -7.00 -4.73 -1.14
CA PHE B 447 -5.93 -3.98 -0.49
C PHE B 447 -5.02 -4.96 0.21
N GLN B 448 -5.59 -6.10 0.58
CA GLN B 448 -4.82 -7.12 1.27
C GLN B 448 -4.00 -7.99 0.33
N SER B 449 -4.67 -8.73 -0.55
CA SER B 449 -3.97 -9.62 -1.45
C SER B 449 -3.49 -8.97 -2.74
N PRO B 451 -2.38 -5.27 -3.42
CA PRO B 451 -2.05 -3.86 -3.19
C PRO B 451 -1.59 -3.16 -4.48
N ASP B 452 -0.77 -3.84 -5.28
CA ASP B 452 -0.25 -3.28 -6.55
C ASP B 452 -1.37 -2.80 -7.44
N PHE B 453 -2.61 -3.19 -7.13
CA PHE B 453 -3.74 -2.75 -7.92
C PHE B 453 -4.09 -1.32 -7.51
N TRP B 454 -4.14 -1.07 -6.21
CA TRP B 454 -4.47 0.26 -5.67
C TRP B 454 -3.27 1.21 -5.72
N GLY B 455 -2.09 0.68 -5.41
CA GLY B 455 -0.88 1.47 -5.42
C GLY B 455 -0.55 2.00 -6.81
N LEU B 456 -0.44 1.09 -7.79
CA LEU B 456 -0.14 1.47 -9.17
C LEU B 456 -1.14 0.89 -10.17
N GLU B 457 -0.86 1.10 -11.46
CA GLU B 457 -1.73 0.61 -12.51
C GLU B 457 -1.84 -0.94 -12.52
N GLN B 458 -0.80 -1.60 -11.99
CA GLN B 458 -0.71 -3.07 -11.94
C GLN B 458 -2.06 -3.82 -11.99
N ASN B 459 -2.26 -4.57 -13.06
CA ASN B 459 -3.50 -5.32 -13.22
C ASN B 459 -3.24 -6.81 -13.26
N PHE B 460 -4.00 -7.58 -12.51
CA PHE B 460 -3.79 -9.02 -12.49
C PHE B 460 -4.87 -9.75 -13.27
N PRO B 461 -4.47 -10.77 -14.04
CA PRO B 461 -5.46 -11.49 -14.82
C PRO B 461 -6.54 -12.06 -13.91
N ILE B 462 -7.78 -11.98 -14.37
CA ILE B 462 -8.92 -12.47 -13.60
C ILE B 462 -9.83 -13.37 -14.44
N PRO B 464 -12.86 -16.93 -14.05
CA PRO B 464 -13.57 -17.88 -13.20
C PRO B 464 -12.83 -19.21 -13.16
N LEU B 465 -13.04 -19.98 -12.10
CA LEU B 465 -12.35 -21.25 -11.99
C LEU B 465 -12.98 -22.38 -12.79
N ASP B 466 -14.24 -22.20 -13.15
CA ASP B 466 -14.96 -23.22 -13.90
C ASP B 466 -16.04 -22.54 -14.75
N ARG B 467 -16.86 -23.37 -15.38
CA ARG B 467 -17.94 -22.90 -16.24
C ARG B 467 -17.35 -22.19 -17.47
N LEU B 468 -16.15 -22.60 -17.85
CA LEU B 468 -15.43 -22.01 -18.99
C LEU B 468 -15.91 -22.54 -20.33
N ASP B 469 -16.52 -23.72 -20.31
CA ASP B 469 -17.05 -24.34 -21.53
C ASP B 469 -18.26 -23.52 -22.02
N GLU B 470 -18.76 -22.65 -21.16
CA GLU B 470 -19.90 -21.78 -21.46
C GLU B 470 -19.42 -20.37 -21.76
N GLU B 471 -20.16 -19.65 -22.58
CA GLU B 471 -19.80 -18.28 -22.94
C GLU B 471 -20.38 -17.27 -21.95
N PRO B 472 -19.51 -16.49 -21.27
CA PRO B 472 -19.98 -15.48 -20.31
C PRO B 472 -20.80 -14.40 -20.99
N THR B 473 -21.83 -13.91 -20.32
CA THR B 473 -22.70 -12.90 -20.89
C THR B 473 -23.07 -11.80 -19.93
N ARG B 474 -22.06 -11.24 -19.26
CA ARG B 474 -22.30 -10.18 -18.29
C ARG B 474 -21.11 -9.26 -18.14
N SER B 475 -21.21 -8.05 -18.67
CA SER B 475 -20.11 -7.10 -18.53
C SER B 475 -19.98 -6.82 -17.04
N ALA B 476 -19.00 -7.45 -16.41
CA ALA B 476 -18.81 -7.31 -14.97
C ALA B 476 -17.75 -6.33 -14.49
N SER B 477 -17.84 -5.99 -13.21
CA SER B 477 -16.89 -5.10 -12.56
C SER B 477 -16.87 -5.57 -11.11
N ILE B 478 -16.03 -6.57 -10.85
CA ILE B 478 -15.91 -7.16 -9.52
C ILE B 478 -15.34 -6.25 -8.43
N TRP B 479 -15.99 -6.22 -7.28
CA TRP B 479 -15.51 -5.43 -6.16
C TRP B 479 -15.47 -6.24 -4.87
N ASP B 480 -14.54 -5.89 -3.98
CA ASP B 480 -14.39 -6.61 -2.72
C ASP B 480 -15.32 -6.09 -1.62
N ILE B 481 -15.36 -6.81 -0.51
CA ILE B 481 -16.20 -6.44 0.62
C ILE B 481 -15.53 -5.38 1.47
N THR B 482 -15.62 -4.13 1.05
CA THR B 482 -15.01 -3.03 1.78
C THR B 482 -15.84 -1.77 1.60
N CYS B 483 -15.91 -0.94 2.65
CA CYS B 483 -16.66 0.31 2.60
C CYS B 483 -16.08 1.17 1.49
N ASP B 484 -14.78 1.45 1.61
CA ASP B 484 -14.03 2.26 0.66
C ASP B 484 -14.35 1.87 -0.77
N SER B 485 -14.93 2.81 -1.50
CA SER B 485 -15.28 2.59 -2.90
C SER B 485 -14.03 2.44 -3.74
N ASP B 486 -12.89 2.87 -3.21
CA ASP B 486 -11.64 2.78 -3.96
C ASP B 486 -11.13 1.33 -3.98
N GLY B 487 -11.99 0.41 -3.56
CA GLY B 487 -11.62 -0.99 -3.54
C GLY B 487 -12.45 -1.83 -4.48
N GLU B 488 -12.35 -1.55 -5.78
CA GLU B 488 -13.12 -2.33 -6.75
C GLU B 488 -12.46 -2.30 -8.11
N ILE B 489 -12.51 -3.44 -8.81
CA ILE B 489 -11.94 -3.54 -10.14
C ILE B 489 -13.04 -3.31 -11.15
N SER B 490 -13.31 -2.04 -11.40
CA SER B 490 -14.35 -1.60 -12.33
C SER B 490 -14.16 -2.04 -13.79
N TYR B 491 -15.29 -2.14 -14.50
CA TYR B 491 -15.28 -2.55 -15.92
C TYR B 491 -14.65 -1.44 -16.76
N SER B 492 -13.95 -1.82 -17.82
CA SER B 492 -13.31 -0.83 -18.68
C SER B 492 -13.40 -1.22 -20.15
N LYS B 493 -13.25 -0.23 -21.03
CA LYS B 493 -13.29 -0.46 -22.46
C LYS B 493 -12.06 -1.26 -22.87
N ASP B 494 -10.92 -0.91 -22.30
CA ASP B 494 -9.66 -1.58 -22.58
C ASP B 494 -9.57 -2.86 -21.76
N LYS B 495 -10.43 -2.95 -20.75
CA LYS B 495 -10.47 -4.12 -19.88
C LYS B 495 -11.90 -4.68 -19.80
N PRO B 496 -12.43 -5.16 -20.94
CA PRO B 496 -13.78 -5.72 -21.00
C PRO B 496 -13.89 -7.08 -20.31
N LEU B 497 -14.33 -7.07 -19.06
CA LEU B 497 -14.47 -8.31 -18.30
C LEU B 497 -15.89 -8.85 -18.35
N PHE B 498 -16.02 -10.13 -18.70
CA PHE B 498 -17.32 -10.78 -18.76
C PHE B 498 -17.36 -12.06 -17.93
N LEU B 499 -18.35 -12.13 -17.04
CA LEU B 499 -18.53 -13.30 -16.16
C LEU B 499 -19.87 -13.95 -16.40
N HIS B 500 -19.97 -15.23 -16.10
CA HIS B 500 -21.23 -15.96 -16.30
C HIS B 500 -22.31 -15.51 -15.32
N ASP B 501 -23.55 -15.47 -15.79
CA ASP B 501 -24.67 -15.07 -14.96
C ASP B 501 -25.03 -16.26 -14.09
N VAL B 502 -24.54 -16.28 -12.85
CA VAL B 502 -24.81 -17.39 -11.96
C VAL B 502 -25.69 -16.99 -10.79
N ASP B 503 -26.20 -17.99 -10.08
CA ASP B 503 -27.04 -17.75 -8.91
C ASP B 503 -26.25 -18.08 -7.66
N VAL B 504 -25.75 -17.07 -6.98
CA VAL B 504 -24.94 -17.26 -5.77
C VAL B 504 -25.48 -18.28 -4.77
N GLU B 505 -26.78 -18.19 -4.50
CA GLU B 505 -27.41 -19.10 -3.54
C GLU B 505 -27.76 -20.47 -4.12
N LYS B 506 -27.77 -20.57 -5.45
CA LYS B 506 -28.09 -21.83 -6.12
C LYS B 506 -26.83 -22.66 -6.37
N GLU B 507 -25.72 -21.97 -6.66
CA GLU B 507 -24.45 -22.64 -6.92
C GLU B 507 -23.27 -21.80 -6.45
N ASN B 508 -22.06 -22.35 -6.58
CA ASN B 508 -20.85 -21.65 -6.16
C ASN B 508 -20.10 -21.11 -7.37
N TYR B 509 -19.61 -19.88 -7.24
CA TYR B 509 -18.88 -19.24 -8.32
C TYR B 509 -17.61 -18.61 -7.78
N PHE B 510 -16.47 -19.20 -8.12
CA PHE B 510 -15.18 -18.68 -7.65
C PHE B 510 -14.39 -17.93 -8.71
N LEU B 511 -13.72 -16.87 -8.29
CA LEU B 511 -12.91 -16.09 -9.20
C LEU B 511 -11.43 -16.32 -8.86
N GLY B 512 -10.59 -16.20 -9.87
CA GLY B 512 -9.17 -16.42 -9.64
C GLY B 512 -8.34 -15.23 -10.08
N PHE B 513 -7.44 -14.81 -9.21
CA PHE B 513 -6.56 -13.70 -9.53
C PHE B 513 -5.17 -14.29 -9.65
N PHE B 514 -4.61 -14.26 -10.85
CA PHE B 514 -3.30 -14.85 -11.10
C PHE B 514 -2.08 -13.92 -11.12
N LEU B 515 -0.90 -14.51 -11.02
CA LEU B 515 0.35 -13.76 -11.06
C LEU B 515 0.45 -12.83 -9.88
N VAL B 516 -0.22 -13.22 -8.82
CA VAL B 516 -0.25 -12.41 -7.62
C VAL B 516 0.81 -12.85 -6.60
N GLY B 517 1.74 -13.69 -7.05
CA GLY B 517 2.78 -14.19 -6.17
C GLY B 517 3.98 -13.28 -5.95
N ALA B 518 3.94 -12.07 -6.47
CA ALA B 518 5.08 -11.18 -6.28
C ALA B 518 4.65 -9.80 -5.77
N TYR B 519 5.32 -9.34 -4.72
CA TYR B 519 5.01 -8.03 -4.18
C TYR B 519 3.61 -7.82 -3.58
N GLN B 520 2.68 -8.75 -3.73
CA GLN B 520 1.34 -8.51 -3.18
C GLN B 520 1.21 -8.80 -1.71
N GLU B 521 1.70 -9.95 -1.30
CA GLU B 521 1.60 -10.32 0.09
C GLU B 521 2.42 -9.37 0.95
N VAL B 522 3.62 -9.03 0.49
CA VAL B 522 4.53 -8.14 1.23
C VAL B 522 3.92 -6.75 1.36
N LEU B 523 3.07 -6.40 0.40
CA LEU B 523 2.44 -5.10 0.43
C LEU B 523 0.98 -5.22 0.85
N GLY B 524 0.66 -6.32 1.54
CA GLY B 524 -0.70 -6.53 2.02
C GLY B 524 -1.01 -5.56 3.14
N LYS B 526 -3.65 -4.65 4.54
CA LYS B 526 -4.53 -5.19 5.60
C LYS B 526 -5.47 -4.07 6.05
N HIS B 527 -6.22 -3.55 5.07
CA HIS B 527 -7.18 -2.46 5.25
C HIS B 527 -8.07 -2.56 6.50
N ASN B 528 -9.35 -2.90 6.35
CA ASN B 528 -10.24 -2.99 7.51
C ASN B 528 -9.95 -4.23 8.36
N LEU B 529 -8.68 -4.39 8.73
CA LEU B 529 -8.22 -5.52 9.55
C LEU B 529 -8.39 -6.89 8.89
N PHE B 530 -8.69 -6.91 7.60
CA PHE B 530 -8.84 -8.20 6.91
C PHE B 530 -7.45 -8.80 6.80
N THR B 531 -7.12 -9.74 7.68
CA THR B 531 -5.79 -10.35 7.67
C THR B 531 -5.54 -11.27 6.50
N HIS B 532 -4.28 -11.63 6.30
CA HIS B 532 -3.87 -12.50 5.21
C HIS B 532 -4.83 -13.69 5.16
N PRO B 533 -5.33 -14.02 3.96
CA PRO B 533 -6.25 -15.14 3.82
C PRO B 533 -5.57 -16.47 4.04
N THR B 534 -6.35 -17.53 4.21
CA THR B 534 -5.76 -18.84 4.41
C THR B 534 -4.93 -19.21 3.18
N GLU B 535 -3.74 -19.74 3.39
CA GLU B 535 -2.93 -20.14 2.25
C GLU B 535 -2.59 -21.62 2.35
N ALA B 536 -2.42 -22.26 1.21
CA ALA B 536 -2.11 -23.67 1.20
C ALA B 536 -1.13 -23.95 0.07
N ILE B 537 -0.23 -24.91 0.28
CA ILE B 537 0.76 -25.28 -0.73
C ILE B 537 0.34 -26.56 -1.43
N ILE B 538 0.08 -26.47 -2.73
CA ILE B 538 -0.36 -27.64 -3.49
C ILE B 538 0.76 -28.35 -4.24
N SER B 539 0.99 -29.61 -3.90
CA SER B 539 2.02 -30.41 -4.56
C SER B 539 1.38 -31.27 -5.63
N ILE B 540 2.07 -31.45 -6.75
CA ILE B 540 1.50 -32.23 -7.82
C ILE B 540 2.49 -33.28 -8.33
N ASN B 541 1.98 -34.47 -8.63
CA ASN B 541 2.82 -35.55 -9.17
C ASN B 541 2.01 -36.44 -10.10
N GLU B 542 2.57 -37.59 -10.49
CA GLU B 542 1.90 -38.50 -11.40
C GLU B 542 0.63 -39.11 -10.80
N LYS B 543 0.57 -39.17 -9.47
CA LYS B 543 -0.57 -39.74 -8.74
C LYS B 543 -1.72 -38.72 -8.65
N GLY B 544 -1.36 -37.44 -8.69
CA GLY B 544 -2.35 -36.37 -8.61
C GLY B 544 -1.80 -35.19 -7.82
N TYR B 545 -2.65 -34.54 -7.04
CA TYR B 545 -2.20 -33.39 -6.25
C TYR B 545 -2.40 -33.66 -4.78
N GLU B 546 -1.67 -32.96 -3.93
CA GLU B 546 -1.82 -33.17 -2.50
C GLU B 546 -1.69 -31.87 -1.70
N VAL B 547 -2.79 -31.48 -1.07
CA VAL B 547 -2.81 -30.27 -0.26
C VAL B 547 -1.86 -30.46 0.91
N GLU B 548 -1.18 -29.39 1.31
CA GLU B 548 -0.25 -29.48 2.43
C GLU B 548 0.27 -28.11 2.84
N GLY B 549 0.75 -28.00 4.07
CA GLY B 549 1.26 -26.73 4.54
C GLY B 549 0.21 -25.63 4.55
N ILE B 550 -0.91 -25.91 5.19
CA ILE B 550 -2.00 -24.96 5.28
C ILE B 550 -1.74 -23.96 6.42
N ILE B 551 -2.10 -22.71 6.20
CA ILE B 551 -1.97 -21.67 7.22
C ILE B 551 -3.34 -21.03 7.28
N GLU B 552 -4.09 -21.37 8.31
CA GLU B 552 -5.43 -20.84 8.46
C GLU B 552 -5.41 -19.36 8.79
N ALA B 553 -6.42 -18.62 8.31
CA ALA B 553 -6.51 -17.19 8.55
C ALA B 553 -6.76 -16.88 10.02
N GLN B 554 -6.07 -15.87 10.54
CA GLN B 554 -6.20 -15.46 11.95
C GLN B 554 -7.63 -15.23 12.42
N SER B 555 -7.87 -15.42 13.70
CA SER B 555 -9.20 -15.17 14.23
C SER B 555 -9.23 -13.71 14.62
N ILE B 556 -10.42 -13.14 14.71
CA ILE B 556 -10.59 -11.74 15.11
C ILE B 556 -9.74 -11.44 16.34
N LEU B 557 -9.86 -12.32 17.33
CA LEU B 557 -9.11 -12.22 18.58
C LEU B 557 -7.62 -12.09 18.32
N ASP B 558 -7.07 -13.01 17.51
CA ASP B 558 -5.65 -12.97 17.19
C ASP B 558 -5.30 -11.66 16.50
N THR B 559 -6.16 -11.22 15.59
CA THR B 559 -5.91 -9.99 14.88
C THR B 559 -5.81 -8.80 15.84
N LEU B 560 -6.74 -8.74 16.80
CA LEU B 560 -6.74 -7.65 17.76
C LEU B 560 -5.46 -7.68 18.57
N GLU B 561 -5.02 -8.87 18.93
CA GLU B 561 -3.79 -8.99 19.71
C GLU B 561 -2.60 -8.46 18.93
N ASP B 562 -2.54 -8.78 17.64
CA ASP B 562 -1.45 -8.33 16.83
C ASP B 562 -1.35 -6.81 16.82
N LEU B 563 -2.44 -6.13 17.15
CA LEU B 563 -2.39 -4.67 17.17
C LEU B 563 -2.00 -4.24 18.56
N ASP B 564 -1.65 -5.23 19.38
CA ASP B 564 -1.24 -4.99 20.75
C ASP B 564 -2.38 -4.68 21.68
N TYR B 565 -3.51 -5.34 21.48
CA TYR B 565 -4.65 -5.11 22.34
C TYR B 565 -4.62 -6.19 23.39
N ASP B 566 -5.16 -5.91 24.56
CA ASP B 566 -5.18 -6.94 25.60
C ASP B 566 -6.38 -7.87 25.39
N ILE B 567 -6.16 -8.99 24.73
CA ILE B 567 -7.23 -9.96 24.47
C ILE B 567 -7.99 -10.31 25.75
N HIS B 568 -7.24 -10.62 26.81
CA HIS B 568 -7.86 -10.97 28.08
C HIS B 568 -8.78 -9.85 28.56
N ALA B 569 -8.28 -8.62 28.49
CA ALA B 569 -9.06 -7.46 28.90
C ALA B 569 -10.34 -7.32 28.06
N ILE B 570 -10.19 -7.33 26.74
CA ILE B 570 -11.32 -7.23 25.82
C ILE B 570 -12.38 -8.25 26.15
N ASP B 572 -12.84 -9.78 29.08
CA ASP B 572 -13.41 -9.48 30.38
C ASP B 572 -14.48 -8.42 30.21
N ILE B 573 -14.10 -7.29 29.64
CA ILE B 573 -15.07 -6.23 29.44
C ILE B 573 -16.29 -6.71 28.63
N LEU B 574 -16.07 -7.42 27.54
CA LEU B 574 -17.19 -7.93 26.74
C LEU B 574 -18.10 -8.82 27.57
N ASN B 575 -17.46 -9.71 28.33
CA ASN B 575 -18.18 -10.62 29.16
C ASN B 575 -19.02 -9.88 30.18
N GLU B 576 -18.41 -8.87 30.78
CA GLU B 576 -19.04 -8.04 31.78
C GLU B 576 -20.24 -7.27 31.23
N ARG B 577 -20.07 -6.60 30.09
CA ARG B 577 -21.18 -5.84 29.51
C ARG B 577 -22.41 -6.68 29.26
N ILE B 578 -22.20 -7.94 28.87
CA ILE B 578 -23.34 -8.79 28.63
C ILE B 578 -23.99 -9.14 29.95
N SER B 579 -23.17 -9.41 30.95
CA SER B 579 -23.66 -9.79 32.27
C SER B 579 -24.42 -8.69 32.97
N ASN B 580 -23.86 -7.49 32.97
CA ASN B 580 -24.52 -6.40 33.64
C ASN B 580 -25.64 -5.79 32.81
N SER B 581 -25.85 -6.31 31.60
CA SER B 581 -26.90 -5.77 30.74
C SER B 581 -28.26 -5.99 31.35
N LYS B 582 -29.14 -5.00 31.20
CA LYS B 582 -30.47 -5.14 31.74
C LYS B 582 -31.54 -5.19 30.65
N LEU B 583 -31.19 -5.68 29.47
CA LEU B 583 -32.15 -5.77 28.37
C LEU B 583 -32.45 -7.21 28.03
N VAL B 584 -31.74 -8.12 28.69
CA VAL B 584 -31.91 -9.55 28.46
C VAL B 584 -31.77 -10.29 29.80
N ASN B 585 -32.39 -11.45 29.91
CA ASN B 585 -32.35 -12.24 31.13
C ASN B 585 -31.10 -13.15 31.18
N ASP B 586 -30.90 -13.83 32.30
CA ASP B 586 -29.77 -14.72 32.48
C ASP B 586 -29.73 -15.76 31.36
N LYS B 587 -30.85 -16.43 31.18
CA LYS B 587 -30.97 -17.46 30.15
C LYS B 587 -30.38 -17.00 28.83
N GLN B 588 -30.79 -15.80 28.42
CA GLN B 588 -30.36 -15.19 27.16
C GLN B 588 -28.89 -14.78 27.23
N LYS B 589 -28.49 -14.16 28.33
CA LYS B 589 -27.11 -13.73 28.47
C LYS B 589 -26.13 -14.89 28.27
N LYS B 590 -26.52 -16.08 28.70
CA LYS B 590 -25.65 -17.22 28.54
C LYS B 590 -25.57 -17.54 27.05
N HIS B 591 -26.73 -17.54 26.39
CA HIS B 591 -26.79 -17.79 24.96
C HIS B 591 -25.87 -16.82 24.20
N ILE B 592 -25.96 -15.53 24.54
CA ILE B 592 -25.15 -14.48 23.91
C ILE B 592 -23.67 -14.85 24.03
N LEU B 593 -23.26 -15.20 25.24
CA LEU B 593 -21.87 -15.59 25.48
C LEU B 593 -21.39 -16.63 24.50
N GLY B 594 -22.19 -17.68 24.34
CA GLY B 594 -21.83 -18.77 23.44
C GLY B 594 -21.51 -18.28 22.04
N GLU B 595 -22.36 -17.38 21.52
CA GLU B 595 -22.19 -16.83 20.19
C GLU B 595 -20.96 -15.93 20.17
N LEU B 596 -20.93 -14.98 21.08
CA LEU B 596 -19.81 -14.07 21.14
C LEU B 596 -18.46 -14.80 21.07
N TYR B 597 -18.33 -15.90 21.80
CA TYR B 597 -17.08 -16.65 21.82
C TYR B 597 -16.82 -17.37 20.52
N LEU B 598 -17.87 -17.69 19.80
CA LEU B 598 -17.74 -18.37 18.53
C LEU B 598 -17.22 -17.39 17.48
N PHE B 599 -17.75 -16.16 17.53
CA PHE B 599 -17.35 -15.13 16.56
C PHE B 599 -15.94 -14.60 16.79
N LEU B 600 -15.51 -14.65 18.04
CA LEU B 600 -14.18 -14.18 18.41
C LEU B 600 -13.10 -15.11 17.89
N ASN B 601 -13.39 -16.40 17.92
CA ASN B 601 -12.44 -17.41 17.47
C ASN B 601 -12.61 -17.75 16.00
N ASP B 602 -13.24 -16.86 15.25
CA ASP B 602 -13.47 -17.07 13.84
C ASP B 602 -12.78 -15.97 13.03
N ASN B 603 -12.43 -16.25 11.77
CA ASN B 603 -11.77 -15.25 10.93
C ASN B 603 -12.76 -14.14 10.64
N GLY B 604 -12.25 -12.98 10.22
CA GLY B 604 -13.11 -11.84 9.96
C GLY B 604 -13.72 -11.72 8.59
N TYR B 605 -13.52 -12.73 7.75
CA TYR B 605 -14.08 -12.67 6.42
C TYR B 605 -15.56 -12.97 6.46
N LEU B 606 -16.27 -12.36 5.52
CA LEU B 606 -17.71 -12.49 5.36
C LEU B 606 -18.12 -13.82 4.75
N LYS B 607 -19.37 -14.21 5.00
CA LYS B 607 -19.93 -15.45 4.47
C LYS B 607 -21.12 -15.09 3.59
N SER B 608 -21.47 -15.97 2.66
CA SER B 608 -22.59 -15.70 1.77
C SER B 608 -23.84 -15.50 2.62
N ILE B 609 -24.70 -14.59 2.20
CA ILE B 609 -25.92 -14.29 2.93
C ILE B 609 -26.97 -15.38 2.72
N GLY B 610 -26.88 -16.07 1.58
CA GLY B 610 -27.80 -17.16 1.25
C GLY B 610 -29.25 -16.80 1.00
N VAL B 611 -30.10 -17.83 0.92
CA VAL B 611 -31.54 -17.67 0.68
C VAL B 611 -32.24 -16.98 1.84
N LEU B 612 -33.25 -16.18 1.53
CA LEU B 612 -34.00 -15.48 2.56
C LEU B 612 -35.45 -15.94 2.58
N GLU B 613 -36.02 -16.03 3.77
CA GLU B 613 -37.41 -16.48 3.93
C GLU B 613 -38.40 -15.59 3.18
N HIS B 614 -39.51 -16.18 2.72
CA HIS B 614 -40.57 -15.46 2.00
C HIS B 614 -41.65 -15.13 3.02
N HIS B 615 -41.79 -13.87 3.40
CA HIS B 615 -42.83 -13.55 4.38
C HIS B 615 -44.14 -13.12 3.72
N HIS B 616 -44.52 -13.88 2.70
CA HIS B 616 -45.77 -13.68 1.96
C HIS B 616 -46.31 -15.03 1.48
N HIS B 617 -47.63 -15.20 1.57
CA HIS B 617 -48.28 -16.45 1.14
C HIS B 617 -48.00 -16.73 -0.32
N HIS B 618 -47.56 -17.93 -0.63
CA HIS B 618 -47.24 -18.26 -2.00
C HIS B 618 -47.38 -19.75 -2.18
N HIS B 619 -46.90 -20.27 -3.30
CA HIS B 619 -46.96 -21.71 -3.51
C HIS B 619 -46.27 -22.10 -4.79
#